data_8AY2
#
_entry.id   8AY2
#
_cell.length_a   190.004
_cell.length_b   190.004
_cell.length_c   175.275
_cell.angle_alpha   90.000
_cell.angle_beta   90.000
_cell.angle_gamma   90.000
#
_symmetry.space_group_name_H-M   'I 4 2 2'
#
loop_
_entity.id
_entity.type
_entity.pdbx_description
1 polymer 'Exocyst complex component 4'
2 water water
#
_entity_poly.entity_id   1
_entity_poly.type   'polypeptide(L)'
_entity_poly.pdbx_seq_one_letter_code
;HMKTSDPLKILANADTMKVLGVQRPLLQSTIIVEKTVQDLMNLMHDLSAYSDQFLNMVCVKLQEYKDTCSTAYRGIVQSE
EKLVISASWAKDDDISRLLKSLPNWTNMAQPKQLRPKREEEEDFIRAAFGKESEVLIGNLGDKLIPPQDILRDVSDLKAL
ANMHESLEWLAGRTKSAFSSLSASQMLSPAQESHVNMDLPPVSEQIMQTLSELAKSFQDMADRCLLVLHLEVRVHCFHYL
IPLAKEGNYAIVANVESMDYDPLVVKLNKDISAMEEAMSASLQQHKFQYIFEGLGHLISCILINGAQYFRRISESGIKKM
CRNIFVLQQNLTNITMSREADLDFARQYYEMLYNTADELLNLVVDQGVKYTELEYIHALTLLHRSQTGVGDQTTQNTRLQ
RLKEIICEQAAIKQATKDKKITTV
;
_entity_poly.pdbx_strand_id   A,B
#
# COMPACT_ATOMS: atom_id res chain seq x y z
N ASP A 6 21.17 15.28 -23.34
CA ASP A 6 22.35 16.15 -23.48
C ASP A 6 22.53 17.14 -22.32
N PRO A 7 21.53 18.00 -22.05
CA PRO A 7 21.76 19.10 -21.10
C PRO A 7 22.02 18.68 -19.67
N LEU A 8 21.85 17.40 -19.32
CA LEU A 8 22.26 16.88 -18.01
C LEU A 8 23.32 15.79 -18.11
N LYS A 9 24.28 15.96 -19.02
CA LYS A 9 25.33 14.95 -19.16
C LYS A 9 26.71 15.59 -19.15
N ILE A 10 26.97 16.45 -20.13
CA ILE A 10 28.25 17.13 -20.25
C ILE A 10 28.47 18.06 -19.06
N LEU A 11 29.52 17.78 -18.28
CA LEU A 11 29.92 18.58 -17.13
C LEU A 11 31.04 19.54 -17.51
N ALA A 12 31.05 20.71 -16.89
CA ALA A 12 32.11 21.68 -17.10
C ALA A 12 33.46 21.14 -16.65
N ASN A 13 34.50 21.50 -17.40
CA ASN A 13 35.86 21.04 -17.10
C ASN A 13 36.35 21.60 -15.77
N ALA A 14 37.36 20.92 -15.22
CA ALA A 14 37.87 21.22 -13.88
C ALA A 14 38.42 22.63 -13.76
N ASP A 15 38.86 23.25 -14.86
CA ASP A 15 39.38 24.61 -14.78
C ASP A 15 38.26 25.65 -14.80
N THR A 16 37.06 25.28 -15.23
CA THR A 16 35.94 26.19 -15.18
C THR A 16 35.39 26.28 -13.76
N MET A 17 35.53 25.19 -12.99
CA MET A 17 35.09 25.19 -11.61
C MET A 17 35.95 26.12 -10.75
N LYS A 18 37.27 26.08 -10.96
CA LYS A 18 38.18 26.95 -10.21
C LYS A 18 37.93 28.43 -10.52
N VAL A 19 37.55 28.75 -11.76
CA VAL A 19 37.20 30.12 -12.12
C VAL A 19 35.98 30.59 -11.32
N LEU A 20 34.91 29.80 -11.35
CA LEU A 20 33.66 30.18 -10.71
C LEU A 20 33.70 29.97 -9.21
N GLY A 21 34.75 29.34 -8.69
CA GLY A 21 34.89 29.10 -7.27
C GLY A 21 33.86 28.12 -6.75
N VAL A 22 33.66 27.02 -7.47
CA VAL A 22 32.74 25.98 -7.08
C VAL A 22 33.48 24.66 -7.00
N GLN A 23 33.20 23.89 -5.95
CA GLN A 23 33.90 22.65 -5.67
C GLN A 23 33.07 21.42 -6.02
N ARG A 24 32.05 21.56 -6.87
CA ARG A 24 31.23 20.43 -7.29
C ARG A 24 30.94 20.54 -8.78
N PRO A 25 30.70 19.40 -9.44
CA PRO A 25 30.45 19.42 -10.88
C PRO A 25 29.28 20.31 -11.28
N LEU A 26 29.47 21.06 -12.35
CA LEU A 26 28.42 21.89 -12.91
C LEU A 26 28.17 21.47 -14.35
N LEU A 27 26.90 21.44 -14.74
CA LEU A 27 26.54 21.12 -16.11
C LEU A 27 27.03 22.20 -17.06
N GLN A 28 27.62 21.77 -18.17
CA GLN A 28 28.10 22.72 -19.17
C GLN A 28 26.95 23.57 -19.69
N SER A 29 25.76 22.97 -19.84
CA SER A 29 24.61 23.72 -20.34
C SER A 29 24.24 24.86 -19.41
N THR A 30 24.42 24.67 -18.09
CA THR A 30 24.13 25.73 -17.15
C THR A 30 25.15 26.85 -17.28
N ILE A 31 26.43 26.47 -17.37
CA ILE A 31 27.51 27.44 -17.58
C ILE A 31 27.24 28.28 -18.83
N ILE A 32 26.90 27.62 -19.93
CA ILE A 32 26.64 28.33 -21.19
C ILE A 32 25.53 29.37 -21.04
N VAL A 33 24.38 28.97 -20.51
CA VAL A 33 23.28 29.94 -20.41
C VAL A 33 23.64 31.07 -19.43
N GLU A 34 24.46 30.78 -18.43
CA GLU A 34 24.80 31.84 -17.47
C GLU A 34 25.79 32.81 -18.09
N LYS A 35 26.72 32.30 -18.91
CA LYS A 35 27.63 33.16 -19.66
C LYS A 35 26.86 34.07 -20.61
N THR A 36 25.85 33.52 -21.29
CA THR A 36 25.04 34.33 -22.21
C THR A 36 24.29 35.42 -21.46
N VAL A 37 23.73 35.09 -20.29
CA VAL A 37 23.08 36.11 -19.46
C VAL A 37 24.09 37.17 -19.04
N GLN A 38 25.29 36.74 -18.67
CA GLN A 38 26.34 37.67 -18.27
C GLN A 38 26.65 38.67 -19.38
N ASP A 39 26.92 38.15 -20.59
CA ASP A 39 27.20 39.00 -21.75
C ASP A 39 26.06 40.00 -21.99
N LEU A 40 24.81 39.52 -21.97
CA LEU A 40 23.66 40.41 -22.09
C LEU A 40 23.68 41.49 -21.02
N MET A 41 24.01 41.13 -19.78
CA MET A 41 24.01 42.11 -18.70
C MET A 41 25.12 43.13 -18.91
N ASN A 42 26.24 42.73 -19.51
CA ASN A 42 27.34 43.66 -19.75
C ASN A 42 26.96 44.67 -20.83
N LEU A 43 26.26 44.23 -21.88
CA LEU A 43 25.87 45.13 -22.95
C LEU A 43 24.81 46.13 -22.52
N MET A 44 24.02 45.83 -21.49
CA MET A 44 22.99 46.77 -21.08
C MET A 44 23.56 47.92 -20.27
N HIS A 45 24.78 47.77 -19.75
CA HIS A 45 25.44 48.88 -19.05
C HIS A 45 26.07 49.82 -20.06
N ASP A 46 26.60 49.28 -21.16
CA ASP A 46 27.17 50.09 -22.22
C ASP A 46 26.04 50.70 -23.06
N LEU A 47 25.32 49.87 -23.81
CA LEU A 47 24.23 50.32 -24.66
C LEU A 47 22.93 50.43 -23.86
N SER A 48 22.95 51.30 -22.84
CA SER A 48 21.81 51.46 -21.94
C SER A 48 20.51 51.80 -22.66
N ALA A 49 20.59 52.27 -23.91
CA ALA A 49 19.39 52.64 -24.66
C ALA A 49 18.55 51.44 -25.06
N TYR A 50 19.15 50.25 -25.11
CA TYR A 50 18.46 49.02 -25.48
C TYR A 50 18.41 48.05 -24.31
N SER A 51 18.30 48.59 -23.09
CA SER A 51 18.31 47.77 -21.88
C SER A 51 17.13 46.81 -21.85
N ASP A 52 15.93 47.30 -22.18
CA ASP A 52 14.75 46.43 -22.20
C ASP A 52 14.97 45.22 -23.11
N GLN A 53 15.49 45.46 -24.31
CA GLN A 53 15.66 44.37 -25.27
C GLN A 53 16.66 43.34 -24.76
N PHE A 54 17.76 43.80 -24.17
CA PHE A 54 18.74 42.85 -23.63
C PHE A 54 18.14 42.04 -22.49
N LEU A 55 17.33 42.68 -21.65
CA LEU A 55 16.69 41.98 -20.54
C LEU A 55 15.67 40.96 -21.03
N ASN A 56 14.85 41.33 -22.02
CA ASN A 56 13.92 40.37 -22.57
C ASN A 56 14.65 39.14 -23.11
N MET A 57 15.85 39.34 -23.65
CA MET A 57 16.63 38.21 -24.16
C MET A 57 17.18 37.37 -23.01
N VAL A 58 17.43 38.00 -21.86
CA VAL A 58 17.86 37.26 -20.69
C VAL A 58 16.74 36.34 -20.22
N CYS A 59 15.54 36.90 -20.06
CA CYS A 59 14.38 36.13 -19.62
C CYS A 59 14.06 34.99 -20.58
N VAL A 60 14.12 35.26 -21.88
CA VAL A 60 13.79 34.22 -22.86
C VAL A 60 14.78 33.07 -22.79
N LYS A 61 16.08 33.38 -22.76
CA LYS A 61 17.09 32.33 -22.69
C LYS A 61 16.99 31.55 -21.38
N LEU A 62 16.70 32.24 -20.28
CA LEU A 62 16.51 31.54 -19.01
C LEU A 62 15.23 30.69 -19.04
N GLN A 63 14.16 31.22 -19.63
CA GLN A 63 12.94 30.44 -19.78
C GLN A 63 13.17 29.22 -20.65
N GLU A 64 13.96 29.37 -21.71
CA GLU A 64 14.28 28.24 -22.58
C GLU A 64 15.03 27.18 -21.81
N TYR A 65 16.01 27.59 -21.01
CA TYR A 65 16.79 26.61 -20.27
C TYR A 65 15.95 25.96 -19.18
N LYS A 66 15.03 26.71 -18.59
CA LYS A 66 14.11 26.12 -17.62
C LYS A 66 13.26 25.05 -18.28
N ASP A 67 12.70 25.35 -19.46
CA ASP A 67 11.89 24.36 -20.17
C ASP A 67 12.74 23.17 -20.58
N THR A 68 14.00 23.41 -20.91
CA THR A 68 14.89 22.33 -21.33
C THR A 68 15.20 21.40 -20.17
N CYS A 69 15.31 21.96 -18.96
CA CYS A 69 15.60 21.16 -17.77
C CYS A 69 14.37 20.41 -17.30
N SER A 70 13.19 21.06 -17.35
CA SER A 70 11.94 20.39 -17.01
C SER A 70 11.72 19.15 -17.88
N THR A 71 11.98 19.28 -19.18
CA THR A 71 11.82 18.16 -20.09
C THR A 71 12.78 17.03 -19.73
N ALA A 72 14.04 17.37 -19.46
CA ALA A 72 15.01 16.35 -19.09
C ALA A 72 14.64 15.68 -17.77
N TYR A 73 14.06 16.45 -16.84
CA TYR A 73 13.64 15.90 -15.55
C TYR A 73 12.57 14.82 -15.74
N ARG A 74 11.48 15.18 -16.40
CA ARG A 74 10.40 14.23 -16.64
C ARG A 74 10.89 12.97 -17.34
N GLY A 75 11.87 13.09 -18.23
CA GLY A 75 12.40 11.91 -18.89
C GLY A 75 13.06 10.95 -17.93
N ILE A 76 13.66 11.47 -16.87
CA ILE A 76 14.29 10.62 -15.87
C ILE A 76 13.22 10.02 -14.96
N VAL A 77 12.18 10.81 -14.71
CA VAL A 77 11.31 10.59 -13.57
C VAL A 77 10.01 9.86 -13.94
N GLN A 78 9.61 9.89 -15.21
CA GLN A 78 8.47 9.11 -15.65
C GLN A 78 8.92 7.71 -16.04
N SER A 79 8.01 6.75 -15.87
CA SER A 79 8.36 5.35 -16.02
C SER A 79 7.42 4.63 -16.98
N GLU A 80 6.23 4.26 -16.50
CA GLU A 80 5.21 3.69 -17.36
C GLU A 80 4.10 4.71 -17.52
N GLU A 81 4.45 5.87 -18.07
CA GLU A 81 3.55 7.00 -18.26
C GLU A 81 2.98 7.48 -16.92
N LYS A 82 3.78 7.32 -15.86
CA LYS A 82 3.50 7.94 -14.58
C LYS A 82 4.80 8.08 -13.81
N LEU A 83 4.75 8.90 -12.76
CA LEU A 83 5.92 9.19 -11.95
C LEU A 83 6.32 8.01 -11.07
N VAL A 84 7.64 7.85 -10.87
CA VAL A 84 8.11 6.93 -9.85
C VAL A 84 7.69 7.48 -8.49
N ILE A 85 7.70 6.61 -7.47
CA ILE A 85 7.13 6.97 -6.18
C ILE A 85 7.78 8.24 -5.63
N SER A 86 9.11 8.28 -5.60
CA SER A 86 9.82 9.44 -5.05
C SER A 86 9.41 10.73 -5.75
N ALA A 87 9.35 10.72 -7.07
CA ALA A 87 8.89 11.88 -7.83
C ALA A 87 7.44 12.23 -7.49
N SER A 88 6.58 11.21 -7.40
CA SER A 88 5.18 11.45 -7.03
C SER A 88 5.06 12.09 -5.66
N TRP A 89 5.86 11.64 -4.69
CA TRP A 89 5.80 12.20 -3.35
C TRP A 89 6.33 13.63 -3.32
N ALA A 90 7.45 13.90 -4.01
CA ALA A 90 8.00 15.26 -4.03
C ALA A 90 7.02 16.24 -4.67
N LYS A 91 6.40 15.87 -5.79
CA LYS A 91 5.43 16.74 -6.44
C LYS A 91 4.25 17.06 -5.52
N ASP A 92 3.91 16.14 -4.61
CA ASP A 92 2.78 16.34 -3.72
C ASP A 92 3.03 17.47 -2.73
N ASP A 93 2.04 18.37 -2.61
CA ASP A 93 2.21 19.56 -1.78
C ASP A 93 2.35 19.21 -0.31
N ASP A 94 1.40 18.44 0.23
CA ASP A 94 1.42 18.10 1.65
C ASP A 94 2.69 17.34 2.04
N ILE A 95 3.11 16.38 1.23
CA ILE A 95 4.31 15.61 1.57
C ILE A 95 5.56 16.48 1.47
N SER A 96 5.74 17.18 0.34
CA SER A 96 6.90 18.05 0.20
C SER A 96 6.93 19.13 1.26
N ARG A 97 5.77 19.64 1.66
CA ARG A 97 5.72 20.65 2.71
C ARG A 97 6.22 20.07 4.03
N LEU A 98 5.75 18.87 4.38
CA LEU A 98 6.20 18.21 5.60
C LEU A 98 7.71 18.00 5.57
N LEU A 99 8.21 17.43 4.47
CA LEU A 99 9.64 17.14 4.37
C LEU A 99 10.48 18.41 4.44
N LYS A 100 10.04 19.48 3.79
CA LYS A 100 10.81 20.72 3.79
C LYS A 100 10.73 21.46 5.12
N SER A 101 9.87 21.01 6.03
CA SER A 101 9.72 21.65 7.33
C SER A 101 10.51 20.94 8.43
N LEU A 102 11.10 19.79 8.14
CA LEU A 102 11.84 19.03 9.12
C LEU A 102 13.25 19.56 9.28
N PRO A 103 13.80 19.51 10.50
CA PRO A 103 15.14 20.06 10.73
C PRO A 103 16.24 19.50 9.83
N ASN A 104 16.16 18.24 9.42
CA ASN A 104 17.20 17.71 8.56
C ASN A 104 17.26 18.44 7.22
N TRP A 105 16.16 19.05 6.79
CA TRP A 105 16.14 19.88 5.59
C TRP A 105 16.43 21.34 5.93
N THR A 106 15.69 21.86 6.91
CA THR A 106 15.81 23.25 7.32
C THR A 106 17.23 23.60 7.77
N ASN A 107 17.84 22.75 8.58
CA ASN A 107 19.20 22.95 9.06
C ASN A 107 20.22 22.12 8.29
N MET A 108 19.98 21.92 6.99
CA MET A 108 20.87 21.09 6.19
C MET A 108 22.28 21.66 6.16
N ALA A 109 22.40 22.98 6.00
CA ALA A 109 23.71 23.61 5.84
C ALA A 109 24.42 23.83 7.16
N GLN A 110 23.68 24.22 8.20
CA GLN A 110 24.30 24.44 9.51
C GLN A 110 25.04 23.19 9.97
N PRO A 111 26.26 23.34 10.53
CA PRO A 111 27.19 22.24 10.86
C PRO A 111 26.58 21.19 11.79
N ASP A 123 17.41 15.30 21.16
CA ASP A 123 17.60 14.95 19.76
C ASP A 123 16.43 15.39 18.87
N PHE A 124 16.59 16.59 18.31
CA PHE A 124 15.57 17.19 17.45
C PHE A 124 15.60 16.61 16.03
N ILE A 125 16.80 16.40 15.47
CA ILE A 125 16.89 15.84 14.13
C ILE A 125 16.58 14.36 14.15
N ARG A 126 16.82 13.67 15.27
CA ARG A 126 16.47 12.25 15.35
C ARG A 126 14.96 12.10 15.47
N ALA A 127 14.28 13.13 16.00
CA ALA A 127 12.82 13.11 16.06
C ALA A 127 12.21 13.43 14.71
N ALA A 128 12.93 14.19 13.87
CA ALA A 128 12.49 14.43 12.51
C ALA A 128 12.57 13.14 11.70
N PHE A 129 13.59 12.32 11.98
CA PHE A 129 13.68 11.02 11.33
C PHE A 129 12.45 10.18 11.65
N GLY A 130 11.99 10.23 12.91
CA GLY A 130 10.78 9.51 13.28
C GLY A 130 9.58 9.92 12.46
N LYS A 131 9.50 11.20 12.11
CA LYS A 131 8.36 11.68 11.33
C LYS A 131 8.44 11.21 9.89
N GLU A 132 9.63 11.26 9.28
CA GLU A 132 9.77 10.69 7.94
C GLU A 132 9.44 9.20 7.96
N SER A 133 10.00 8.48 8.93
CA SER A 133 9.79 7.03 8.99
C SER A 133 8.31 6.72 9.16
N GLU A 134 7.62 7.49 10.00
CA GLU A 134 6.19 7.28 10.23
C GLU A 134 5.40 7.41 8.93
N VAL A 135 5.69 8.46 8.15
CA VAL A 135 4.97 8.66 6.89
C VAL A 135 5.32 7.55 5.91
N LEU A 136 6.61 7.21 5.83
CA LEU A 136 7.05 6.17 4.89
C LEU A 136 6.50 4.79 5.29
N ILE A 137 6.61 4.43 6.57
CA ILE A 137 6.09 3.14 7.03
C ILE A 137 4.57 3.09 6.84
N GLY A 138 3.87 4.15 7.25
CA GLY A 138 2.42 4.18 7.17
C GLY A 138 1.86 3.93 5.78
N ASN A 139 2.57 4.37 4.74
CA ASN A 139 2.08 4.26 3.38
C ASN A 139 2.77 3.18 2.56
N LEU A 140 3.94 2.72 2.99
CA LEU A 140 4.71 1.78 2.20
C LEU A 140 5.10 0.54 2.98
N GLY A 141 4.83 0.49 4.29
CA GLY A 141 5.31 -0.58 5.15
C GLY A 141 4.74 -1.95 4.85
N ASP A 142 3.69 -2.02 4.01
CA ASP A 142 3.09 -3.30 3.66
C ASP A 142 2.94 -3.47 2.15
N LYS A 143 3.68 -2.70 1.35
CA LYS A 143 3.52 -2.69 -0.10
C LYS A 143 4.69 -3.33 -0.82
N LEU A 144 4.37 -4.13 -1.84
CA LEU A 144 5.36 -4.62 -2.79
C LEU A 144 5.59 -3.54 -3.84
N ILE A 145 6.81 -3.04 -3.93
CA ILE A 145 7.17 -1.99 -4.88
C ILE A 145 7.63 -2.66 -6.18
N PRO A 146 6.89 -2.52 -7.28
CA PRO A 146 7.31 -3.10 -8.55
C PRO A 146 8.49 -2.34 -9.16
N PRO A 147 9.28 -2.99 -10.02
CA PRO A 147 10.49 -2.34 -10.56
C PRO A 147 10.22 -1.00 -11.23
N GLN A 148 9.09 -0.86 -11.92
CA GLN A 148 8.81 0.35 -12.67
C GLN A 148 8.47 1.54 -11.79
N ASP A 149 8.42 1.38 -10.47
CA ASP A 149 8.11 2.46 -9.56
C ASP A 149 9.34 3.07 -8.91
N ILE A 150 10.54 2.58 -9.23
CA ILE A 150 11.77 3.14 -8.69
C ILE A 150 12.75 3.38 -9.83
N LEU A 151 13.84 4.07 -9.49
CA LEU A 151 14.92 4.39 -10.42
C LEU A 151 16.12 3.49 -10.11
N ARG A 152 16.45 2.58 -11.02
CA ARG A 152 17.53 1.64 -10.79
C ARG A 152 18.89 2.19 -11.25
N ASP A 153 18.91 2.87 -12.39
CA ASP A 153 20.16 3.34 -12.97
C ASP A 153 20.73 4.51 -12.18
N VAL A 154 21.94 4.34 -11.65
CA VAL A 154 22.61 5.43 -10.95
C VAL A 154 22.85 6.58 -11.90
N SER A 155 22.92 6.30 -13.20
CA SER A 155 23.03 7.36 -14.20
C SER A 155 21.91 8.38 -14.02
N ASP A 156 20.68 7.90 -13.80
CA ASP A 156 19.56 8.82 -13.56
C ASP A 156 19.75 9.56 -12.24
N LEU A 157 20.16 8.84 -11.19
CA LEU A 157 20.38 9.49 -9.89
C LEU A 157 21.46 10.55 -10.00
N LYS A 158 22.52 10.27 -10.76
CA LYS A 158 23.61 11.21 -10.90
C LYS A 158 23.17 12.42 -11.71
N ALA A 159 22.35 12.20 -12.74
CA ALA A 159 21.76 13.30 -13.49
C ALA A 159 20.92 14.20 -12.59
N LEU A 160 20.11 13.60 -11.72
CA LEU A 160 19.33 14.39 -10.76
C LEU A 160 20.25 15.19 -9.84
N ALA A 161 21.33 14.56 -9.37
CA ALA A 161 22.21 15.16 -8.38
C ALA A 161 22.89 16.44 -8.88
N ASN A 162 23.40 16.44 -10.11
CA ASN A 162 24.04 17.67 -10.56
C ASN A 162 23.12 18.51 -11.43
N MET A 163 21.86 18.11 -11.60
CA MET A 163 20.86 19.09 -11.96
C MET A 163 20.53 19.95 -10.73
N HIS A 164 20.50 19.31 -9.56
CA HIS A 164 20.30 20.03 -8.31
C HIS A 164 21.37 21.10 -8.10
N GLU A 165 22.64 20.67 -8.09
CA GLU A 165 23.74 21.62 -7.87
C GLU A 165 23.82 22.67 -8.96
N SER A 166 23.59 22.29 -10.21
CA SER A 166 23.64 23.25 -11.31
C SER A 166 22.51 24.27 -11.21
N LEU A 167 21.27 23.81 -11.04
CA LEU A 167 20.15 24.74 -10.95
C LEU A 167 20.19 25.59 -9.69
N GLU A 168 20.74 25.06 -8.59
CA GLU A 168 20.89 25.90 -7.41
C GLU A 168 21.93 26.99 -7.65
N TRP A 169 23.00 26.66 -8.38
CA TRP A 169 23.99 27.66 -8.77
C TRP A 169 23.36 28.70 -9.69
N LEU A 170 22.67 28.25 -10.74
CA LEU A 170 21.98 29.17 -11.64
C LEU A 170 20.98 30.05 -10.89
N ALA A 171 20.31 29.50 -9.87
CA ALA A 171 19.38 30.31 -9.10
C ALA A 171 20.10 31.41 -8.35
N GLY A 172 21.31 31.11 -7.86
CA GLY A 172 22.10 32.13 -7.18
C GLY A 172 22.56 33.22 -8.13
N ARG A 173 23.03 32.82 -9.31
CA ARG A 173 23.49 33.78 -10.29
C ARG A 173 22.33 34.65 -10.76
N THR A 174 21.20 34.02 -11.09
CA THR A 174 20.03 34.77 -11.53
C THR A 174 19.53 35.72 -10.45
N LYS A 175 19.59 35.29 -9.19
CA LYS A 175 19.18 36.13 -8.07
C LYS A 175 20.10 37.36 -7.95
N SER A 176 21.40 37.17 -8.15
CA SER A 176 22.33 38.30 -8.09
C SER A 176 22.06 39.31 -9.20
N ALA A 177 21.75 38.82 -10.40
CA ALA A 177 21.37 39.72 -11.49
C ALA A 177 20.17 40.58 -11.10
N PHE A 178 19.09 39.93 -10.66
CA PHE A 178 17.90 40.64 -10.21
C PHE A 178 18.22 41.69 -9.15
N SER A 179 18.93 41.27 -8.09
CA SER A 179 19.21 42.20 -7.00
C SER A 179 20.10 43.36 -7.44
N SER A 180 21.03 43.13 -8.37
CA SER A 180 21.82 44.24 -8.92
C SER A 180 20.92 45.26 -9.61
N LEU A 181 20.01 44.77 -10.46
CA LEU A 181 19.06 45.67 -11.11
C LEU A 181 18.16 46.35 -10.09
N SER A 182 17.58 45.59 -9.17
CA SER A 182 16.68 46.15 -8.17
C SER A 182 17.37 47.24 -7.35
N ALA A 183 18.59 46.97 -6.88
CA ALA A 183 19.27 47.88 -5.98
C ALA A 183 19.58 49.22 -6.64
N SER A 184 19.79 49.22 -7.96
CA SER A 184 20.12 50.47 -8.65
C SER A 184 18.92 51.40 -8.78
N GLN A 185 17.69 50.86 -8.72
CA GLN A 185 16.49 51.65 -8.96
C GLN A 185 15.52 51.64 -7.78
N MET A 186 15.89 51.00 -6.66
CA MET A 186 14.99 50.88 -5.51
C MET A 186 14.69 52.23 -4.90
N LEU A 187 13.40 52.52 -4.69
CA LEU A 187 12.96 53.72 -3.98
C LEU A 187 12.36 53.32 -2.63
N SER A 188 12.48 54.22 -1.68
CA SER A 188 11.88 54.02 -0.37
C SER A 188 10.43 54.46 -0.41
N PRO A 189 9.60 53.94 0.51
CA PRO A 189 8.17 54.33 0.49
C PRO A 189 7.96 55.81 0.72
N ALA A 190 8.87 56.49 1.41
CA ALA A 190 8.76 57.93 1.59
C ALA A 190 9.13 58.71 0.34
N GLN A 191 9.95 58.15 -0.54
CA GLN A 191 10.36 58.84 -1.77
C GLN A 191 9.41 58.59 -2.94
N GLU A 192 8.29 57.90 -2.71
CA GLU A 192 7.31 57.69 -3.77
C GLU A 192 6.46 58.94 -3.99
N SER A 193 6.09 59.62 -2.92
CA SER A 193 5.24 60.80 -2.99
C SER A 193 6.02 62.04 -3.42
N HIS A 194 7.16 61.83 -4.08
CA HIS A 194 8.01 62.92 -4.51
C HIS A 194 7.83 63.20 -5.99
N VAL A 195 8.41 64.33 -6.41
CA VAL A 195 8.15 64.87 -7.74
C VAL A 195 8.74 63.98 -8.82
N ASN A 196 9.99 63.58 -8.65
CA ASN A 196 10.81 63.12 -9.78
C ASN A 196 10.50 61.65 -10.04
N MET A 197 9.68 61.39 -11.05
CA MET A 197 9.46 60.01 -11.50
C MET A 197 10.72 59.41 -12.09
N ASP A 198 11.62 60.25 -12.63
CA ASP A 198 12.83 59.80 -13.32
C ASP A 198 12.40 58.84 -14.42
N LEU A 199 13.00 57.65 -14.53
CA LEU A 199 12.60 56.61 -15.42
C LEU A 199 13.16 55.36 -14.76
N PRO A 200 12.35 54.35 -14.50
CA PRO A 200 12.89 53.08 -14.03
C PRO A 200 13.65 52.41 -15.16
N PRO A 201 14.97 52.27 -15.03
CA PRO A 201 15.77 51.69 -16.11
C PRO A 201 15.25 50.33 -16.56
N VAL A 202 14.50 49.66 -15.69
CA VAL A 202 13.84 48.41 -16.04
C VAL A 202 12.41 48.43 -15.52
N SER A 203 11.48 47.94 -16.34
CA SER A 203 10.10 47.84 -15.91
C SER A 203 9.95 46.80 -14.80
N GLU A 204 8.93 46.99 -13.98
CA GLU A 204 8.61 46.02 -12.94
C GLU A 204 8.35 44.64 -13.53
N GLN A 205 7.84 44.57 -14.75
CA GLN A 205 7.46 43.27 -15.31
C GLN A 205 8.67 42.46 -15.74
N ILE A 206 9.75 43.11 -16.18
CA ILE A 206 10.96 42.34 -16.47
C ILE A 206 11.60 41.87 -15.17
N MET A 207 11.52 42.71 -14.14
CA MET A 207 11.99 42.34 -12.81
C MET A 207 11.24 41.14 -12.26
N GLN A 208 9.90 41.18 -12.34
CA GLN A 208 9.12 40.08 -11.81
C GLN A 208 9.38 38.79 -12.58
N THR A 209 9.43 38.88 -13.91
CA THR A 209 9.75 37.70 -14.72
C THR A 209 11.12 37.15 -14.36
N LEU A 210 12.07 38.03 -14.06
CA LEU A 210 13.43 37.60 -13.77
C LEU A 210 13.53 36.98 -12.38
N SER A 211 12.87 37.58 -11.39
CA SER A 211 12.95 37.04 -10.03
C SER A 211 12.19 35.74 -9.89
N GLU A 212 11.19 35.50 -10.75
CA GLU A 212 10.46 34.25 -10.70
C GLU A 212 11.25 33.13 -11.36
N LEU A 213 12.04 33.46 -12.39
CA LEU A 213 12.92 32.45 -12.98
C LEU A 213 13.95 31.99 -11.96
N ALA A 214 14.44 32.91 -11.13
CA ALA A 214 15.40 32.54 -10.10
C ALA A 214 14.76 31.59 -9.09
N LYS A 215 13.56 31.93 -8.62
CA LYS A 215 12.83 31.06 -7.70
C LYS A 215 12.54 29.71 -8.35
N SER A 216 12.18 29.72 -9.64
CA SER A 216 11.87 28.47 -10.33
C SER A 216 13.08 27.56 -10.39
N PHE A 217 14.27 28.12 -10.65
CA PHE A 217 15.47 27.30 -10.67
C PHE A 217 15.75 26.71 -9.29
N GLN A 218 15.44 27.44 -8.23
CA GLN A 218 15.65 26.91 -6.90
C GLN A 218 14.63 25.82 -6.59
N ASP A 219 13.35 26.07 -6.92
CA ASP A 219 12.31 25.06 -6.72
C ASP A 219 12.64 23.77 -7.45
N MET A 220 13.07 23.87 -8.70
CA MET A 220 13.48 22.68 -9.44
C MET A 220 14.67 22.01 -8.77
N ALA A 221 15.63 22.79 -8.28
CA ALA A 221 16.78 22.22 -7.59
C ALA A 221 16.35 21.50 -6.31
N ASP A 222 15.46 22.13 -5.54
CA ASP A 222 15.00 21.50 -4.30
C ASP A 222 14.29 20.20 -4.59
N ARG A 223 13.50 20.17 -5.67
CA ARG A 223 12.74 18.98 -6.04
C ARG A 223 13.67 17.82 -6.33
N CYS A 224 14.73 18.07 -7.11
CA CYS A 224 15.69 17.02 -7.42
C CYS A 224 16.30 16.43 -6.15
N LEU A 225 16.61 17.28 -5.18
CA LEU A 225 17.21 16.79 -3.94
C LEU A 225 16.19 15.99 -3.13
N LEU A 226 14.94 16.46 -3.07
CA LEU A 226 13.89 15.70 -2.40
C LEU A 226 13.73 14.33 -3.04
N VAL A 227 13.67 14.27 -4.36
CA VAL A 227 13.53 13.00 -5.06
C VAL A 227 14.68 12.06 -4.71
N LEU A 228 15.92 12.57 -4.70
CA LEU A 228 17.05 11.73 -4.34
C LEU A 228 16.93 11.25 -2.90
N HIS A 229 16.52 12.12 -2.00
CA HIS A 229 16.36 11.76 -0.59
C HIS A 229 15.33 10.65 -0.43
N LEU A 230 14.20 10.76 -1.13
CA LEU A 230 13.13 9.77 -1.00
C LEU A 230 13.44 8.49 -1.77
N GLU A 231 14.20 8.61 -2.86
CA GLU A 231 14.46 7.47 -3.72
C GLU A 231 15.22 6.36 -3.00
N VAL A 232 16.29 6.72 -2.27
CA VAL A 232 17.01 5.72 -1.48
C VAL A 232 16.07 5.05 -0.48
N ARG A 233 15.16 5.85 0.10
CA ARG A 233 14.25 5.31 1.10
C ARG A 233 13.26 4.34 0.49
N VAL A 234 12.71 4.68 -0.68
CA VAL A 234 11.83 3.75 -1.38
C VAL A 234 12.58 2.48 -1.75
N HIS A 235 13.87 2.59 -2.08
CA HIS A 235 14.66 1.40 -2.36
C HIS A 235 14.72 0.48 -1.14
N CYS A 236 14.81 1.06 0.06
CA CYS A 236 14.79 0.25 1.28
C CYS A 236 13.53 -0.59 1.36
N PHE A 237 12.38 -0.02 1.00
CA PHE A 237 11.13 -0.78 1.04
C PHE A 237 11.11 -1.84 -0.07
N HIS A 238 11.58 -1.47 -1.26
CA HIS A 238 11.63 -2.42 -2.37
C HIS A 238 12.34 -3.72 -2.01
N TYR A 239 13.49 -3.61 -1.33
CA TYR A 239 14.27 -4.80 -1.02
C TYR A 239 13.91 -5.45 0.31
N LEU A 240 13.51 -4.68 1.32
CA LEU A 240 13.31 -5.26 2.66
C LEU A 240 11.89 -5.75 2.93
N ILE A 241 10.87 -5.23 2.25
CA ILE A 241 9.51 -5.74 2.48
C ILE A 241 9.39 -7.19 2.06
N PRO A 242 9.94 -7.63 0.92
CA PRO A 242 9.92 -9.07 0.61
C PRO A 242 10.58 -9.94 1.67
N LEU A 243 11.47 -9.39 2.51
CA LEU A 243 12.19 -10.17 3.50
C LEU A 243 11.26 -11.06 4.33
N ALA A 244 10.22 -10.47 4.89
CA ALA A 244 9.30 -11.20 5.77
C ALA A 244 8.65 -12.38 5.03
N LYS A 245 7.99 -12.11 3.90
CA LYS A 245 7.31 -13.16 3.15
C LYS A 245 8.22 -13.93 2.22
N GLU A 246 9.35 -14.42 2.74
CA GLU A 246 10.24 -15.29 1.97
C GLU A 246 10.06 -16.76 2.31
N GLY A 247 9.51 -17.06 3.49
CA GLY A 247 9.41 -18.42 3.95
C GLY A 247 10.77 -19.03 4.18
N ASN A 248 11.74 -18.20 4.55
CA ASN A 248 13.13 -18.60 4.65
C ASN A 248 13.69 -18.38 6.04
N TYR A 249 12.85 -17.99 7.00
CA TYR A 249 13.34 -17.69 8.35
C TYR A 249 12.70 -18.62 9.37
N ALA A 250 12.16 -19.74 8.92
CA ALA A 250 11.53 -20.74 9.77
C ALA A 250 12.29 -22.07 9.71
N ILE A 251 13.46 -22.07 9.06
CA ILE A 251 14.27 -23.27 8.94
C ILE A 251 14.85 -23.64 10.30
N VAL A 252 14.89 -24.93 10.59
CA VAL A 252 15.52 -25.44 11.81
C VAL A 252 16.92 -25.90 11.45
N ALA A 253 17.93 -25.19 11.96
CA ALA A 253 19.33 -25.48 11.66
C ALA A 253 20.06 -25.73 12.97
N ASN A 254 20.55 -26.96 13.16
CA ASN A 254 21.30 -27.30 14.36
C ASN A 254 22.73 -26.77 14.30
N VAL A 255 23.21 -26.35 13.13
CA VAL A 255 24.52 -25.76 12.97
C VAL A 255 24.37 -24.39 12.31
N GLU A 256 25.16 -23.43 12.77
CA GLU A 256 25.09 -22.05 12.32
C GLU A 256 26.11 -21.77 11.23
N SER A 257 25.76 -20.83 10.35
CA SER A 257 26.55 -20.54 9.15
C SER A 257 26.38 -19.06 8.81
N MET A 258 27.16 -18.59 7.84
CA MET A 258 27.10 -17.19 7.41
C MET A 258 26.08 -16.98 6.29
N ASP A 259 24.87 -17.51 6.49
CA ASP A 259 23.78 -17.30 5.53
C ASP A 259 23.01 -16.05 5.93
N TYR A 260 22.95 -15.08 5.03
CA TYR A 260 22.06 -13.94 5.20
C TYR A 260 21.43 -13.59 3.85
N ASP A 261 20.38 -12.78 3.92
CA ASP A 261 19.47 -12.60 2.79
C ASP A 261 20.13 -11.94 1.57
N PRO A 262 19.88 -12.46 0.37
CA PRO A 262 20.41 -11.82 -0.84
C PRO A 262 19.78 -10.45 -1.08
N LEU A 263 18.53 -10.27 -0.67
CA LEU A 263 17.90 -8.96 -0.77
C LEU A 263 18.68 -7.93 0.02
N VAL A 264 19.07 -8.26 1.26
CA VAL A 264 19.90 -7.37 2.04
C VAL A 264 21.22 -7.10 1.34
N VAL A 265 21.82 -8.13 0.74
CA VAL A 265 23.04 -7.92 -0.02
C VAL A 265 22.79 -6.97 -1.17
N LYS A 266 21.67 -7.14 -1.87
CA LYS A 266 21.34 -6.24 -2.99
C LYS A 266 21.12 -4.81 -2.51
N LEU A 267 20.39 -4.65 -1.39
CA LEU A 267 20.19 -3.32 -0.83
C LEU A 267 21.52 -2.63 -0.52
N ASN A 268 22.43 -3.36 0.13
CA ASN A 268 23.75 -2.80 0.44
C ASN A 268 24.50 -2.37 -0.81
N LYS A 269 24.49 -3.21 -1.84
CA LYS A 269 25.14 -2.82 -3.09
C LYS A 269 24.46 -1.60 -3.68
N ASP A 270 23.13 -1.57 -3.64
CA ASP A 270 22.36 -0.45 -4.14
C ASP A 270 22.73 0.84 -3.40
N ILE A 271 22.72 0.78 -2.07
CA ILE A 271 23.09 1.94 -1.26
C ILE A 271 24.53 2.37 -1.54
N SER A 272 25.46 1.41 -1.63
CA SER A 272 26.85 1.76 -1.86
C SER A 272 27.05 2.42 -3.22
N ALA A 273 26.42 1.88 -4.27
CA ALA A 273 26.55 2.48 -5.60
C ALA A 273 26.00 3.90 -5.59
N MET A 274 24.86 4.10 -4.91
CA MET A 274 24.28 5.43 -4.84
C MET A 274 25.18 6.35 -4.03
N GLU A 275 25.73 5.83 -2.94
CA GLU A 275 26.68 6.59 -2.12
C GLU A 275 27.87 7.05 -2.96
N GLU A 276 28.31 6.20 -3.89
CA GLU A 276 29.45 6.54 -4.72
C GLU A 276 29.13 7.74 -5.62
N ALA A 277 27.96 7.71 -6.25
CA ALA A 277 27.56 8.77 -7.17
C ALA A 277 27.32 10.09 -6.45
N MET A 278 26.55 10.05 -5.35
CA MET A 278 26.22 11.29 -4.63
C MET A 278 27.45 11.99 -4.08
N SER A 279 28.47 11.24 -3.65
CA SER A 279 29.64 11.88 -3.05
C SER A 279 30.40 12.73 -4.06
N ALA A 280 30.37 12.33 -5.33
CA ALA A 280 31.08 13.06 -6.37
C ALA A 280 30.23 14.16 -6.99
N SER A 281 28.92 14.13 -6.75
CA SER A 281 27.98 15.04 -7.41
C SER A 281 27.44 16.12 -6.51
N LEU A 282 27.32 15.85 -5.20
CA LEU A 282 26.67 16.74 -4.26
C LEU A 282 27.68 17.33 -3.28
N GLN A 283 27.35 18.50 -2.76
CA GLN A 283 28.06 19.02 -1.61
C GLN A 283 27.79 18.12 -0.41
N GLN A 284 28.74 18.10 0.53
CA GLN A 284 28.70 17.11 1.61
C GLN A 284 27.39 17.17 2.38
N HIS A 285 26.89 18.38 2.69
CA HIS A 285 25.69 18.46 3.51
C HIS A 285 24.45 18.01 2.76
N LYS A 286 24.46 18.04 1.43
CA LYS A 286 23.38 17.40 0.66
C LYS A 286 23.52 15.88 0.75
N PHE A 287 24.74 15.39 0.55
CA PHE A 287 25.05 13.96 0.70
C PHE A 287 24.56 13.43 2.03
N GLN A 288 24.88 14.13 3.12
CA GLN A 288 24.46 13.67 4.44
C GLN A 288 22.94 13.66 4.56
N TYR A 289 22.26 14.60 3.89
CA TYR A 289 20.80 14.64 3.95
C TYR A 289 20.19 13.39 3.32
N ILE A 290 20.82 12.88 2.25
CA ILE A 290 20.34 11.66 1.62
C ILE A 290 20.51 10.45 2.54
N PHE A 291 21.69 10.28 3.12
CA PHE A 291 22.03 9.02 3.77
C PHE A 291 21.83 9.00 5.29
N GLU A 292 21.74 10.14 5.95
CA GLU A 292 21.42 10.11 7.36
C GLU A 292 19.92 9.87 7.50
N GLY A 293 19.55 9.06 8.49
CA GLY A 293 18.18 8.69 8.71
C GLY A 293 17.82 7.33 8.16
N LEU A 294 18.65 6.77 7.27
CA LEU A 294 18.37 5.44 6.72
C LEU A 294 18.39 4.39 7.82
N GLY A 295 19.33 4.53 8.77
CA GLY A 295 19.39 3.60 9.88
C GLY A 295 18.08 3.55 10.63
N HIS A 296 17.51 4.72 10.93
CA HIS A 296 16.24 4.78 11.64
C HIS A 296 15.13 4.15 10.81
N LEU A 297 15.04 4.51 9.53
CA LEU A 297 14.00 3.96 8.67
C LEU A 297 14.09 2.44 8.59
N ILE A 298 15.29 1.93 8.25
CA ILE A 298 15.48 0.50 8.10
C ILE A 298 15.11 -0.26 9.37
N SER A 299 15.52 0.25 10.55
CA SER A 299 15.15 -0.42 11.79
C SER A 299 13.64 -0.44 11.96
N CYS A 300 12.94 0.64 11.60
CA CYS A 300 11.48 0.65 11.66
C CYS A 300 10.89 -0.39 10.71
N ILE A 301 11.40 -0.45 9.48
CA ILE A 301 10.96 -1.44 8.51
C ILE A 301 11.09 -2.85 9.07
N LEU A 302 12.26 -3.16 9.65
CA LEU A 302 12.49 -4.51 10.17
C LEU A 302 11.63 -4.84 11.38
N ILE A 303 11.45 -3.88 12.30
CA ILE A 303 10.60 -4.15 13.46
C ILE A 303 9.14 -4.30 13.01
N ASN A 304 8.65 -3.36 12.20
CA ASN A 304 7.28 -3.43 11.70
C ASN A 304 7.05 -4.66 10.85
N GLY A 305 8.07 -5.13 10.13
CA GLY A 305 7.90 -6.24 9.21
C GLY A 305 7.74 -7.58 9.90
N ALA A 306 8.12 -7.68 11.17
CA ALA A 306 8.03 -8.96 11.87
C ALA A 306 6.60 -9.47 11.92
N GLN A 307 5.62 -8.56 11.93
CA GLN A 307 4.22 -8.98 12.01
C GLN A 307 3.75 -9.71 10.76
N TYR A 308 4.56 -9.73 9.69
CA TYR A 308 4.18 -10.41 8.46
C TYR A 308 4.81 -11.79 8.34
N PHE A 309 5.74 -12.13 9.23
CA PHE A 309 6.26 -13.49 9.27
C PHE A 309 5.16 -14.44 9.69
N ARG A 310 5.03 -15.55 8.98
CA ARG A 310 4.11 -16.60 9.41
C ARG A 310 4.73 -17.42 10.53
N ARG A 311 5.97 -17.83 10.34
CA ARG A 311 6.74 -18.56 11.33
C ARG A 311 8.12 -17.93 11.44
N ILE A 312 8.71 -18.01 12.63
CA ILE A 312 10.08 -17.59 12.85
C ILE A 312 10.79 -18.69 13.64
N SER A 313 11.99 -19.06 13.21
CA SER A 313 12.81 -20.04 13.90
C SER A 313 14.06 -19.38 14.48
N GLU A 314 14.80 -20.16 15.29
CA GLU A 314 16.00 -19.62 15.90
C GLU A 314 17.03 -19.27 14.82
N SER A 315 17.13 -20.09 13.77
CA SER A 315 18.07 -19.81 12.71
C SER A 315 17.65 -18.58 11.92
N GLY A 316 16.34 -18.36 11.78
CA GLY A 316 15.85 -17.18 11.10
C GLY A 316 16.24 -15.90 11.82
N ILE A 317 16.12 -15.91 13.16
CA ILE A 317 16.53 -14.77 13.96
C ILE A 317 18.03 -14.51 13.81
N LYS A 318 18.83 -15.58 13.84
CA LYS A 318 20.26 -15.45 13.60
C LYS A 318 20.52 -14.79 12.25
N LYS A 319 19.76 -15.20 11.23
CA LYS A 319 19.93 -14.64 9.89
C LYS A 319 19.55 -13.16 9.85
N MET A 320 18.44 -12.79 10.49
CA MET A 320 18.06 -11.38 10.51
C MET A 320 19.09 -10.53 11.24
N CYS A 321 19.71 -11.08 12.29
CA CYS A 321 20.76 -10.35 12.98
C CYS A 321 21.99 -10.15 12.09
N ARG A 322 22.31 -11.15 11.26
CA ARG A 322 23.36 -10.95 10.27
C ARG A 322 22.96 -9.86 9.27
N ASN A 323 21.70 -9.90 8.83
CA ASN A 323 21.18 -8.85 7.94
C ASN A 323 21.40 -7.48 8.54
N ILE A 324 20.99 -7.31 9.80
CA ILE A 324 21.12 -6.01 10.47
C ILE A 324 22.59 -5.62 10.60
N PHE A 325 23.45 -6.59 10.95
CA PHE A 325 24.87 -6.30 11.08
C PHE A 325 25.47 -5.80 9.77
N VAL A 326 25.21 -6.54 8.68
CA VAL A 326 25.70 -6.15 7.36
C VAL A 326 25.24 -4.73 7.01
N LEU A 327 23.95 -4.45 7.21
CA LEU A 327 23.45 -3.11 6.91
C LEU A 327 24.09 -2.07 7.83
N GLN A 328 24.26 -2.42 9.11
CA GLN A 328 24.88 -1.51 10.07
C GLN A 328 26.30 -1.11 9.67
N GLN A 329 27.14 -2.10 9.33
CA GLN A 329 28.50 -1.80 8.90
C GLN A 329 28.52 -0.81 7.75
N ASN A 330 27.67 -1.03 6.75
CA ASN A 330 27.65 -0.17 5.57
C ASN A 330 27.22 1.25 5.90
N LEU A 331 26.10 1.41 6.62
CA LEU A 331 25.60 2.75 6.93
C LEU A 331 26.53 3.50 7.88
N THR A 332 27.10 2.79 8.86
CA THR A 332 28.03 3.44 9.78
C THR A 332 29.21 4.00 9.00
N ASN A 333 29.73 3.23 8.04
CA ASN A 333 30.85 3.68 7.24
C ASN A 333 30.48 4.85 6.35
N ILE A 334 29.21 4.92 5.90
CA ILE A 334 28.80 5.99 5.00
C ILE A 334 28.52 7.28 5.76
N THR A 335 27.82 7.19 6.89
CA THR A 335 27.45 8.36 7.66
C THR A 335 28.48 8.73 8.72
N MET A 336 29.53 7.91 8.87
CA MET A 336 30.61 8.13 9.82
C MET A 336 30.11 8.14 11.27
N SER A 337 28.98 7.49 11.54
CA SER A 337 28.49 7.32 12.90
C SER A 337 27.63 6.06 12.97
N ARG A 338 27.72 5.36 14.10
CA ARG A 338 26.95 4.13 14.30
C ARG A 338 25.46 4.41 14.27
N GLU A 339 24.71 3.60 13.53
CA GLU A 339 23.26 3.73 13.44
C GLU A 339 22.64 2.96 14.60
N ALA A 340 22.50 3.65 15.74
CA ALA A 340 22.06 3.00 16.96
C ALA A 340 20.65 2.42 16.86
N ASP A 341 19.81 2.99 15.98
CA ASP A 341 18.47 2.44 15.80
C ASP A 341 18.52 1.01 15.29
N LEU A 342 19.55 0.66 14.51
CA LEU A 342 19.69 -0.71 14.04
C LEU A 342 19.94 -1.66 15.21
N ASP A 343 20.61 -1.19 16.25
CA ASP A 343 20.76 -1.99 17.46
C ASP A 343 19.40 -2.24 18.09
N PHE A 344 18.52 -1.25 18.06
CA PHE A 344 17.17 -1.40 18.59
C PHE A 344 16.40 -2.47 17.84
N ALA A 345 16.57 -2.51 16.51
CA ALA A 345 15.90 -3.55 15.72
C ALA A 345 16.50 -4.92 16.03
N ARG A 346 17.81 -4.99 16.25
CA ARG A 346 18.44 -6.26 16.58
C ARG A 346 17.89 -6.79 17.89
N GLN A 347 17.83 -5.92 18.91
CA GLN A 347 17.33 -6.33 20.21
C GLN A 347 15.89 -6.81 20.13
N TYR A 348 15.09 -6.22 19.25
CA TYR A 348 13.71 -6.66 19.07
C TYR A 348 13.66 -8.10 18.59
N TYR A 349 14.45 -8.44 17.57
CA TYR A 349 14.47 -9.81 17.07
C TYR A 349 15.07 -10.77 18.08
N GLU A 350 16.02 -10.31 18.91
CA GLU A 350 16.56 -11.17 19.95
C GLU A 350 15.51 -11.52 21.00
N MET A 351 14.45 -10.71 21.13
CA MET A 351 13.35 -11.07 22.02
C MET A 351 12.71 -12.38 21.61
N LEU A 352 12.74 -12.68 20.31
CA LEU A 352 12.08 -13.87 19.78
C LEU A 352 12.88 -15.14 20.08
N TYR A 353 14.05 -15.01 20.71
CA TYR A 353 14.77 -16.19 21.20
C TYR A 353 14.05 -16.78 22.42
N ASN A 354 13.45 -15.91 23.24
CA ASN A 354 12.70 -16.31 24.42
C ASN A 354 11.49 -17.16 24.07
N THR A 355 10.95 -17.81 25.09
CA THR A 355 9.67 -18.47 24.96
C THR A 355 8.56 -17.44 25.15
N ALA A 356 7.33 -17.86 24.88
CA ALA A 356 6.20 -16.94 25.04
C ALA A 356 6.12 -16.42 26.47
N ASP A 357 6.41 -17.28 27.45
CA ASP A 357 6.37 -16.87 28.85
C ASP A 357 7.57 -15.99 29.20
N GLU A 358 8.76 -16.37 28.75
CA GLU A 358 9.96 -15.58 29.02
C GLU A 358 9.83 -14.16 28.47
N LEU A 359 9.21 -14.01 27.30
CA LEU A 359 9.02 -12.68 26.72
C LEU A 359 8.23 -11.79 27.68
N LEU A 360 7.21 -12.33 28.33
CA LEU A 360 6.46 -11.54 29.30
C LEU A 360 7.35 -11.17 30.49
N ASN A 361 8.16 -12.12 30.96
CA ASN A 361 9.08 -11.84 32.06
C ASN A 361 10.06 -10.74 31.70
N LEU A 362 10.52 -10.71 30.43
CA LEU A 362 11.42 -9.66 29.99
C LEU A 362 10.81 -8.28 30.14
N VAL A 363 9.52 -8.15 29.81
CA VAL A 363 8.85 -6.85 29.95
C VAL A 363 8.73 -6.47 31.41
N VAL A 364 8.42 -7.44 32.27
CA VAL A 364 8.34 -7.19 33.71
C VAL A 364 9.71 -6.76 34.26
N ASP A 365 10.77 -7.50 33.90
CA ASP A 365 12.09 -7.23 34.46
C ASP A 365 12.68 -5.90 33.98
N GLN A 366 12.64 -5.63 32.68
CA GLN A 366 13.37 -4.50 32.11
C GLN A 366 12.47 -3.40 31.55
N GLY A 367 11.16 -3.51 31.69
CA GLY A 367 10.27 -2.45 31.31
C GLY A 367 9.88 -2.46 29.85
N VAL A 368 8.95 -1.58 29.53
CA VAL A 368 8.42 -1.47 28.17
C VAL A 368 9.32 -0.58 27.33
N LYS A 369 9.86 -1.13 26.24
CA LYS A 369 10.74 -0.40 25.35
C LYS A 369 10.14 -0.19 23.97
N TYR A 370 9.46 -1.21 23.45
CA TYR A 370 8.78 -1.13 22.16
C TYR A 370 7.32 -0.75 22.36
N THR A 371 6.65 -0.39 21.27
CA THR A 371 5.24 -0.05 21.37
C THR A 371 4.42 -1.29 21.76
N GLU A 372 3.21 -1.04 22.26
CA GLU A 372 2.35 -2.13 22.69
C GLU A 372 2.10 -3.11 21.54
N LEU A 373 1.74 -2.58 20.37
CA LEU A 373 1.51 -3.41 19.19
C LEU A 373 2.76 -4.20 18.80
N GLU A 374 3.95 -3.61 18.97
CA GLU A 374 5.16 -4.35 18.66
C GLU A 374 5.34 -5.53 19.61
N TYR A 375 5.00 -5.33 20.89
CA TYR A 375 5.06 -6.44 21.85
C TYR A 375 4.01 -7.48 21.53
N ILE A 376 2.77 -7.05 21.29
CA ILE A 376 1.69 -7.98 20.94
C ILE A 376 2.02 -8.77 19.68
N HIS A 377 2.53 -8.09 18.65
CA HIS A 377 2.90 -8.79 17.42
C HIS A 377 4.07 -9.75 17.64
N ALA A 378 4.97 -9.44 18.58
CA ALA A 378 6.06 -10.37 18.87
C ALA A 378 5.52 -11.64 19.50
N LEU A 379 4.64 -11.49 20.50
CA LEU A 379 4.08 -12.64 21.19
C LEU A 379 3.24 -13.48 20.24
N THR A 380 2.40 -12.81 19.45
CA THR A 380 1.60 -13.50 18.43
C THR A 380 2.48 -14.24 17.44
N LEU A 381 3.61 -13.65 17.04
CA LEU A 381 4.53 -14.35 16.16
C LEU A 381 5.10 -15.59 16.84
N LEU A 382 5.43 -15.48 18.14
CA LEU A 382 5.91 -16.64 18.89
C LEU A 382 4.85 -17.74 18.96
N HIS A 383 3.59 -17.36 19.17
CA HIS A 383 2.52 -18.36 19.21
C HIS A 383 2.40 -19.11 17.89
N ARG A 384 2.49 -18.40 16.76
CA ARG A 384 2.42 -19.06 15.46
C ARG A 384 3.61 -19.96 15.20
N SER A 385 4.73 -19.74 15.90
CA SER A 385 6.00 -20.41 15.59
C SER A 385 6.37 -21.50 16.58
N GLN A 386 6.31 -21.20 17.87
CA GLN A 386 6.81 -22.10 18.90
C GLN A 386 5.75 -23.12 19.32
N THR A 387 6.18 -24.08 20.14
CA THR A 387 5.31 -25.17 20.58
C THR A 387 5.25 -25.35 22.08
N GLY A 388 5.92 -24.51 22.87
CA GLY A 388 5.97 -24.69 24.31
C GLY A 388 4.80 -24.09 25.07
N VAL A 389 3.72 -23.75 24.37
CA VAL A 389 2.52 -23.17 24.98
C VAL A 389 1.37 -24.18 25.01
N GLY A 390 0.96 -24.69 23.85
CA GLY A 390 -0.16 -25.60 23.80
C GLY A 390 -1.41 -25.01 23.18
N ASP A 391 -2.54 -25.19 23.85
CA ASP A 391 -3.84 -24.88 23.27
C ASP A 391 -4.06 -23.36 23.17
N GLN A 392 -5.12 -22.99 22.45
CA GLN A 392 -5.44 -21.59 22.20
C GLN A 392 -5.93 -20.86 23.45
N THR A 393 -6.48 -21.58 24.43
CA THR A 393 -7.01 -20.91 25.61
C THR A 393 -5.91 -20.35 26.49
N THR A 394 -4.74 -21.00 26.53
CA THR A 394 -3.61 -20.45 27.26
C THR A 394 -2.89 -19.36 26.47
N GLN A 395 -3.03 -19.36 25.14
CA GLN A 395 -2.45 -18.31 24.33
C GLN A 395 -3.21 -17.00 24.52
N ASN A 396 -4.55 -17.06 24.39
CA ASN A 396 -5.35 -15.87 24.64
C ASN A 396 -5.11 -15.32 26.04
N THR A 397 -4.93 -16.22 27.02
CA THR A 397 -4.67 -15.81 28.39
C THR A 397 -3.32 -15.11 28.51
N ARG A 398 -2.28 -15.65 27.87
CA ARG A 398 -0.97 -15.00 27.89
C ARG A 398 -0.99 -13.66 27.18
N LEU A 399 -1.67 -13.60 26.03
CA LEU A 399 -1.80 -12.34 25.31
C LEU A 399 -2.48 -11.28 26.17
N GLN A 400 -3.57 -11.65 26.85
CA GLN A 400 -4.26 -10.68 27.68
C GLN A 400 -3.42 -10.26 28.88
N ARG A 401 -2.60 -11.17 29.41
CA ARG A 401 -1.75 -10.83 30.54
C ARG A 401 -0.61 -9.92 30.10
N LEU A 402 -0.12 -10.07 28.87
CA LEU A 402 0.90 -9.16 28.35
C LEU A 402 0.37 -7.73 28.31
N LYS A 403 -0.90 -7.56 27.93
CA LYS A 403 -1.48 -6.23 27.87
C LYS A 403 -1.60 -5.64 29.27
N GLU A 404 -1.89 -6.48 30.27
CA GLU A 404 -2.02 -6.02 31.63
C GLU A 404 -0.66 -5.61 32.18
N ILE A 405 0.39 -6.34 31.80
CA ILE A 405 1.74 -5.98 32.21
C ILE A 405 2.11 -4.62 31.65
N ILE A 406 1.74 -4.37 30.38
CA ILE A 406 2.01 -3.07 29.76
C ILE A 406 1.14 -1.99 30.41
N CYS A 407 -0.12 -2.29 30.68
CA CYS A 407 -1.00 -1.35 31.37
C CYS A 407 -0.41 -0.92 32.70
N GLU A 408 0.03 -1.89 33.51
CA GLU A 408 0.59 -1.58 34.82
C GLU A 408 1.85 -0.73 34.71
N GLN A 409 2.76 -1.08 33.80
CA GLN A 409 4.01 -0.32 33.65
C GLN A 409 3.72 1.14 33.36
N ALA A 410 2.73 1.41 32.49
CA ALA A 410 2.38 2.79 32.14
C ALA A 410 1.81 3.55 33.34
N ALA A 411 0.83 2.95 34.02
CA ALA A 411 0.19 3.63 35.15
C ALA A 411 1.19 3.90 36.27
N ILE A 412 2.12 2.98 36.49
CA ILE A 412 3.19 3.19 37.47
C ILE A 412 4.06 4.37 37.08
N LYS A 413 4.53 4.37 35.82
CA LYS A 413 5.44 5.43 35.37
C LYS A 413 4.77 6.79 35.38
N GLN A 414 3.49 6.88 35.01
CA GLN A 414 2.83 8.18 34.99
C GLN A 414 2.61 8.74 36.39
N ALA A 415 2.63 7.89 37.42
CA ALA A 415 2.42 8.36 38.78
C ALA A 415 3.71 8.79 39.46
N THR A 416 4.85 8.23 39.05
CA THR A 416 6.14 8.59 39.61
C THR A 416 6.89 9.57 38.70
N SER B 5 -29.77 -17.76 25.94
CA SER B 5 -28.98 -16.74 26.63
C SER B 5 -27.74 -16.33 25.81
N ASP B 6 -27.38 -17.15 24.82
CA ASP B 6 -26.34 -16.81 23.86
C ASP B 6 -26.99 -16.22 22.62
N PRO B 7 -26.69 -14.98 22.23
CA PRO B 7 -27.33 -14.41 21.04
C PRO B 7 -26.97 -15.12 19.75
N LEU B 8 -25.89 -15.91 19.75
CA LEU B 8 -25.43 -16.59 18.55
C LEU B 8 -25.72 -18.08 18.55
N LYS B 9 -26.53 -18.55 19.51
CA LYS B 9 -26.90 -19.96 19.56
C LYS B 9 -28.00 -20.26 18.55
N ILE B 10 -27.79 -21.29 17.73
CA ILE B 10 -28.74 -21.61 16.68
C ILE B 10 -29.71 -22.67 17.20
N LEU B 11 -30.87 -22.72 16.57
CA LEU B 11 -31.87 -23.75 16.81
C LEU B 11 -32.05 -24.51 15.50
N ALA B 12 -31.36 -25.64 15.37
CA ALA B 12 -31.39 -26.45 14.16
C ALA B 12 -32.43 -27.56 14.22
N ASN B 13 -33.39 -27.44 15.13
CA ASN B 13 -34.46 -28.44 15.25
C ASN B 13 -35.33 -28.47 13.99
N ALA B 14 -35.40 -29.64 13.36
CA ALA B 14 -36.06 -29.80 12.07
C ALA B 14 -37.52 -29.35 12.13
N ASP B 15 -38.27 -29.86 13.10
CA ASP B 15 -39.69 -29.51 13.19
C ASP B 15 -39.90 -28.03 13.44
N THR B 16 -39.04 -27.42 14.27
CA THR B 16 -39.16 -25.99 14.52
C THR B 16 -38.88 -25.20 13.25
N MET B 17 -37.85 -25.61 12.49
CA MET B 17 -37.56 -24.95 11.23
C MET B 17 -38.70 -25.13 10.24
N LYS B 18 -39.30 -26.32 10.24
CA LYS B 18 -40.41 -26.61 9.33
C LYS B 18 -41.63 -25.74 9.67
N VAL B 19 -41.96 -25.61 10.96
CA VAL B 19 -43.05 -24.74 11.38
C VAL B 19 -42.78 -23.29 11.00
N LEU B 20 -41.56 -22.82 11.26
CA LEU B 20 -41.22 -21.44 10.95
C LEU B 20 -40.99 -21.21 9.46
N GLY B 21 -40.89 -22.29 8.68
CA GLY B 21 -40.81 -22.20 7.23
C GLY B 21 -39.44 -21.82 6.72
N VAL B 22 -38.39 -22.32 7.35
CA VAL B 22 -37.03 -22.02 6.93
C VAL B 22 -36.32 -23.32 6.58
N GLN B 23 -35.32 -23.19 5.72
CA GLN B 23 -34.53 -24.33 5.26
C GLN B 23 -33.17 -24.39 5.93
N ARG B 24 -32.78 -23.33 6.62
CA ARG B 24 -31.48 -23.22 7.26
C ARG B 24 -31.70 -22.85 8.73
N PRO B 25 -30.75 -23.15 9.60
CA PRO B 25 -30.93 -22.86 11.03
C PRO B 25 -31.17 -21.38 11.30
N LEU B 26 -31.96 -21.11 12.34
CA LEU B 26 -32.20 -19.76 12.81
C LEU B 26 -31.60 -19.59 14.20
N LEU B 27 -31.25 -18.36 14.54
CA LEU B 27 -30.79 -18.07 15.89
C LEU B 27 -31.95 -18.24 16.86
N GLN B 28 -31.67 -18.90 17.99
CA GLN B 28 -32.70 -19.09 19.00
C GLN B 28 -33.23 -17.75 19.48
N SER B 29 -32.34 -16.77 19.65
CA SER B 29 -32.75 -15.45 20.10
C SER B 29 -33.72 -14.79 19.12
N THR B 30 -33.50 -15.01 17.82
CA THR B 30 -34.39 -14.46 16.80
C THR B 30 -35.79 -15.06 16.94
N ILE B 31 -35.86 -16.37 17.15
CA ILE B 31 -37.14 -17.06 17.25
C ILE B 31 -37.94 -16.53 18.45
N ILE B 32 -37.28 -16.39 19.59
CA ILE B 32 -37.94 -15.89 20.80
C ILE B 32 -38.52 -14.49 20.58
N VAL B 33 -37.72 -13.56 20.05
CA VAL B 33 -38.24 -12.20 19.90
C VAL B 33 -39.31 -12.14 18.83
N GLU B 34 -39.27 -13.04 17.84
CA GLU B 34 -40.30 -13.04 16.81
C GLU B 34 -41.61 -13.59 17.36
N LYS B 35 -41.53 -14.69 18.12
CA LYS B 35 -42.70 -15.24 18.78
C LYS B 35 -43.34 -14.21 19.70
N THR B 36 -42.52 -13.47 20.44
CA THR B 36 -43.05 -12.43 21.33
C THR B 36 -43.75 -11.34 20.53
N VAL B 37 -43.15 -10.91 19.41
CA VAL B 37 -43.81 -9.91 18.57
C VAL B 37 -45.13 -10.45 18.05
N GLN B 38 -45.11 -11.70 17.57
CA GLN B 38 -46.32 -12.38 17.12
C GLN B 38 -47.44 -12.28 18.14
N ASP B 39 -47.14 -12.60 19.40
CA ASP B 39 -48.15 -12.60 20.46
C ASP B 39 -48.74 -11.21 20.68
N LEU B 40 -47.90 -10.17 20.65
CA LEU B 40 -48.42 -8.82 20.81
C LEU B 40 -49.24 -8.38 19.60
N MET B 41 -48.91 -8.92 18.42
CA MET B 41 -49.68 -8.64 17.22
C MET B 41 -51.06 -9.28 17.30
N ASN B 42 -51.11 -10.56 17.67
CA ASN B 42 -52.39 -11.27 17.73
C ASN B 42 -53.32 -10.69 18.78
N LEU B 43 -52.78 -10.10 19.84
CA LEU B 43 -53.60 -9.59 20.92
C LEU B 43 -54.06 -8.15 20.69
N MET B 44 -53.43 -7.45 19.75
CA MET B 44 -53.85 -6.09 19.44
C MET B 44 -55.17 -6.11 18.68
N HIS B 45 -55.35 -7.12 17.81
CA HIS B 45 -56.54 -7.21 16.98
C HIS B 45 -57.80 -7.30 17.83
N ASP B 46 -57.67 -7.81 19.05
CA ASP B 46 -58.81 -7.98 19.97
C ASP B 46 -58.91 -6.87 20.99
N LEU B 47 -57.91 -5.99 21.07
CA LEU B 47 -57.92 -4.86 22.00
C LEU B 47 -57.50 -3.60 21.25
N SER B 48 -58.23 -3.30 20.17
CA SER B 48 -57.93 -2.18 19.30
C SER B 48 -57.78 -0.85 20.04
N ALA B 49 -58.41 -0.72 21.21
CA ALA B 49 -58.32 0.50 21.99
C ALA B 49 -56.99 0.67 22.68
N TYR B 50 -56.16 -0.38 22.71
CA TYR B 50 -54.86 -0.36 23.35
C TYR B 50 -53.74 -0.58 22.32
N SER B 51 -54.06 -0.32 21.04
CA SER B 51 -53.16 -0.58 19.93
C SER B 51 -51.78 0.07 20.09
N ASP B 52 -51.74 1.34 20.50
CA ASP B 52 -50.46 2.02 20.66
C ASP B 52 -49.58 1.35 21.72
N GLN B 53 -50.16 1.01 22.88
CA GLN B 53 -49.36 0.38 23.93
C GLN B 53 -48.71 -0.91 23.43
N PHE B 54 -49.41 -1.64 22.55
CA PHE B 54 -48.85 -2.88 22.02
C PHE B 54 -47.71 -2.60 21.05
N LEU B 55 -47.96 -1.72 20.07
CA LEU B 55 -46.91 -1.37 19.12
C LEU B 55 -45.68 -0.82 19.83
N ASN B 56 -45.89 -0.06 20.91
CA ASN B 56 -44.76 0.39 21.72
C ASN B 56 -43.99 -0.80 22.29
N MET B 57 -44.71 -1.82 22.73
CA MET B 57 -44.07 -3.00 23.29
C MET B 57 -43.31 -3.78 22.23
N VAL B 58 -43.79 -3.76 20.99
CA VAL B 58 -43.10 -4.43 19.90
C VAL B 58 -41.84 -3.67 19.54
N CYS B 59 -41.97 -2.35 19.35
CA CYS B 59 -40.81 -1.49 19.12
C CYS B 59 -39.69 -1.72 20.13
N VAL B 60 -40.03 -1.68 21.42
CA VAL B 60 -39.01 -1.81 22.47
C VAL B 60 -38.32 -3.17 22.39
N LYS B 61 -39.09 -4.24 22.19
CA LYS B 61 -38.49 -5.57 22.12
C LYS B 61 -37.64 -5.73 20.86
N LEU B 62 -38.11 -5.20 19.72
CA LEU B 62 -37.30 -5.24 18.51
C LEU B 62 -36.06 -4.36 18.67
N GLN B 63 -36.22 -3.16 19.24
CA GLN B 63 -35.08 -2.28 19.44
C GLN B 63 -34.06 -2.92 20.37
N GLU B 64 -34.52 -3.61 21.41
CA GLU B 64 -33.60 -4.29 22.32
C GLU B 64 -32.83 -5.37 21.58
N TYR B 65 -33.51 -6.13 20.73
CA TYR B 65 -32.86 -7.21 20.01
C TYR B 65 -31.87 -6.66 19.00
N LYS B 66 -32.20 -5.52 18.38
CA LYS B 66 -31.29 -4.87 17.45
C LYS B 66 -29.98 -4.53 18.15
N ASP B 67 -30.08 -3.92 19.35
CA ASP B 67 -28.88 -3.62 20.12
C ASP B 67 -28.10 -4.90 20.44
N THR B 68 -28.83 -5.98 20.73
CA THR B 68 -28.18 -7.24 21.08
C THR B 68 -27.41 -7.79 19.88
N CYS B 69 -28.00 -7.65 18.69
CA CYS B 69 -27.36 -8.13 17.47
C CYS B 69 -26.16 -7.26 17.11
N SER B 70 -26.31 -5.94 17.20
CA SER B 70 -25.19 -5.04 16.93
C SER B 70 -24.00 -5.37 17.83
N THR B 71 -24.25 -5.53 19.12
CA THR B 71 -23.18 -5.90 20.06
C THR B 71 -22.54 -7.23 19.66
N ALA B 72 -23.34 -8.22 19.28
CA ALA B 72 -22.79 -9.52 18.92
C ALA B 72 -21.95 -9.41 17.66
N TYR B 73 -22.43 -8.60 16.70
CA TYR B 73 -21.70 -8.37 15.46
C TYR B 73 -20.32 -7.76 15.72
N ARG B 74 -20.24 -6.70 16.55
CA ARG B 74 -18.94 -6.10 16.81
C ARG B 74 -17.97 -7.12 17.41
N GLY B 75 -18.49 -8.05 18.22
CA GLY B 75 -17.62 -9.01 18.88
C GLY B 75 -17.04 -10.02 17.94
N ILE B 76 -17.68 -10.25 16.80
CA ILE B 76 -17.15 -11.16 15.80
C ILE B 76 -16.11 -10.44 14.97
N VAL B 77 -16.39 -9.18 14.66
CA VAL B 77 -15.81 -8.48 13.52
C VAL B 77 -14.66 -7.57 13.90
N GLN B 78 -14.43 -7.34 15.19
CA GLN B 78 -13.24 -6.62 15.65
C GLN B 78 -12.12 -7.61 15.96
N SER B 79 -10.87 -7.14 15.86
CA SER B 79 -9.73 -8.03 16.05
C SER B 79 -8.71 -7.50 17.03
N GLU B 80 -8.01 -6.42 16.67
CA GLU B 80 -7.11 -5.73 17.57
C GLU B 80 -7.64 -4.32 17.84
N GLU B 81 -8.80 -4.26 18.51
CA GLU B 81 -9.48 -2.99 18.79
C GLU B 81 -9.81 -2.23 17.51
N LYS B 82 -10.05 -2.97 16.42
CA LYS B 82 -10.46 -2.36 15.15
C LYS B 82 -11.11 -3.43 14.30
N LEU B 83 -11.73 -2.98 13.20
CA LEU B 83 -12.43 -3.87 12.29
C LEU B 83 -11.48 -4.58 11.33
N VAL B 84 -11.76 -5.86 11.09
CA VAL B 84 -11.07 -6.57 10.02
C VAL B 84 -11.44 -5.90 8.69
N ILE B 85 -10.56 -6.11 7.70
CA ILE B 85 -10.69 -5.42 6.40
C ILE B 85 -12.08 -5.57 5.82
N SER B 86 -12.61 -6.81 5.80
CA SER B 86 -13.93 -7.03 5.21
C SER B 86 -15.00 -6.20 5.89
N ALA B 87 -15.00 -6.17 7.23
CA ALA B 87 -16.00 -5.39 7.93
C ALA B 87 -15.83 -3.91 7.65
N SER B 88 -14.58 -3.46 7.55
CA SER B 88 -14.30 -2.06 7.25
C SER B 88 -14.79 -1.69 5.86
N TRP B 89 -14.65 -2.59 4.89
CA TRP B 89 -15.15 -2.32 3.56
C TRP B 89 -16.68 -2.31 3.53
N ALA B 90 -17.31 -3.22 4.28
CA ALA B 90 -18.76 -3.31 4.22
C ALA B 90 -19.39 -2.05 4.79
N LYS B 91 -18.71 -1.41 5.75
CA LYS B 91 -19.23 -0.18 6.35
C LYS B 91 -19.10 1.01 5.41
N ASP B 92 -18.07 1.02 4.57
CA ASP B 92 -17.85 2.10 3.60
C ASP B 92 -19.02 2.21 2.63
N ASP B 93 -19.58 3.42 2.56
CA ASP B 93 -20.75 3.67 1.71
C ASP B 93 -20.44 3.44 0.23
N ASP B 94 -19.26 3.86 -0.23
CA ASP B 94 -18.88 3.66 -1.62
C ASP B 94 -18.82 2.18 -1.96
N ILE B 95 -18.15 1.39 -1.12
CA ILE B 95 -18.03 -0.05 -1.38
C ILE B 95 -19.40 -0.72 -1.27
N SER B 96 -20.21 -0.29 -0.29
CA SER B 96 -21.53 -0.88 -0.12
C SER B 96 -22.43 -0.63 -1.33
N ARG B 97 -22.48 0.62 -1.80
CA ARG B 97 -23.37 0.95 -2.91
C ARG B 97 -22.93 0.22 -4.17
N LEU B 98 -21.62 0.12 -4.40
CA LEU B 98 -21.10 -0.58 -5.57
C LEU B 98 -21.45 -2.05 -5.55
N LEU B 99 -21.11 -2.76 -4.46
CA LEU B 99 -21.38 -4.19 -4.39
C LEU B 99 -22.87 -4.49 -4.52
N LYS B 100 -23.72 -3.66 -3.93
CA LYS B 100 -25.15 -3.89 -4.00
C LYS B 100 -25.75 -3.54 -5.35
N SER B 101 -24.97 -2.91 -6.23
CA SER B 101 -25.43 -2.54 -7.56
C SER B 101 -25.04 -3.55 -8.63
N LEU B 102 -24.11 -4.47 -8.32
CA LEU B 102 -23.59 -5.46 -9.24
C LEU B 102 -24.58 -6.61 -9.46
N PRO B 103 -24.59 -7.17 -10.68
CA PRO B 103 -25.50 -8.29 -10.99
C PRO B 103 -25.51 -9.43 -9.97
N ASN B 104 -24.33 -9.83 -9.47
CA ASN B 104 -24.28 -10.96 -8.56
C ASN B 104 -25.02 -10.69 -7.25
N TRP B 105 -25.26 -9.42 -6.91
CA TRP B 105 -26.08 -9.08 -5.75
C TRP B 105 -27.52 -8.85 -6.14
N THR B 106 -27.77 -8.00 -7.14
CA THR B 106 -29.13 -7.64 -7.54
C THR B 106 -29.91 -8.84 -8.05
N ASN B 107 -29.28 -9.68 -8.86
CA ASN B 107 -29.95 -10.87 -9.40
C ASN B 107 -29.57 -12.12 -8.62
N MET B 108 -29.58 -12.02 -7.28
CA MET B 108 -29.16 -13.15 -6.46
C MET B 108 -30.21 -14.26 -6.50
N ALA B 109 -31.49 -13.91 -6.32
CA ALA B 109 -32.55 -14.92 -6.24
C ALA B 109 -32.88 -15.50 -7.61
N GLN B 110 -32.68 -14.74 -8.68
CA GLN B 110 -32.98 -15.23 -10.02
C GLN B 110 -32.09 -16.42 -10.35
N PRO B 111 -32.65 -17.54 -10.86
CA PRO B 111 -31.87 -18.72 -11.25
C PRO B 111 -31.04 -18.49 -12.51
N PHE B 124 -22.32 -9.92 -19.53
CA PHE B 124 -22.39 -11.13 -18.74
C PHE B 124 -21.97 -10.83 -17.30
N ILE B 125 -21.48 -11.85 -16.59
CA ILE B 125 -21.12 -11.67 -15.18
C ILE B 125 -19.61 -11.49 -15.02
N ARG B 126 -18.83 -12.10 -15.92
CA ARG B 126 -17.38 -11.94 -15.82
C ARG B 126 -16.95 -10.50 -16.05
N ALA B 127 -17.80 -9.69 -16.71
CA ALA B 127 -17.51 -8.27 -16.81
C ALA B 127 -17.99 -7.56 -15.55
N ALA B 128 -19.10 -8.05 -14.97
CA ALA B 128 -19.54 -7.52 -13.68
C ALA B 128 -18.57 -7.93 -12.59
N PHE B 129 -18.04 -9.16 -12.67
CA PHE B 129 -16.96 -9.58 -11.78
C PHE B 129 -15.74 -8.71 -11.96
N GLY B 130 -15.53 -8.20 -13.19
CA GLY B 130 -14.41 -7.30 -13.44
C GLY B 130 -14.49 -6.03 -12.62
N LYS B 131 -15.69 -5.47 -12.49
CA LYS B 131 -15.86 -4.24 -11.71
C LYS B 131 -15.46 -4.45 -10.26
N GLU B 132 -15.68 -5.65 -9.73
CA GLU B 132 -15.39 -5.93 -8.33
C GLU B 132 -13.94 -6.36 -8.16
N SER B 133 -13.41 -7.15 -9.11
CA SER B 133 -12.01 -7.51 -9.07
C SER B 133 -11.14 -6.28 -9.19
N GLU B 134 -11.53 -5.35 -10.07
CA GLU B 134 -10.80 -4.08 -10.24
C GLU B 134 -10.55 -3.37 -8.91
N VAL B 135 -11.62 -3.13 -8.14
CA VAL B 135 -11.49 -2.42 -6.87
C VAL B 135 -10.64 -3.22 -5.89
N LEU B 136 -10.92 -4.52 -5.76
CA LEU B 136 -10.15 -5.34 -4.84
C LEU B 136 -8.67 -5.37 -5.20
N ILE B 137 -8.37 -5.64 -6.48
CA ILE B 137 -6.98 -5.61 -6.95
C ILE B 137 -6.37 -4.23 -6.75
N GLY B 138 -7.11 -3.18 -7.08
CA GLY B 138 -6.61 -1.82 -6.93
C GLY B 138 -6.16 -1.47 -5.52
N ASN B 139 -6.79 -2.07 -4.52
CA ASN B 139 -6.52 -1.75 -3.14
C ASN B 139 -5.59 -2.74 -2.45
N LEU B 140 -5.65 -4.01 -2.83
CA LEU B 140 -4.95 -5.06 -2.12
C LEU B 140 -3.96 -5.81 -3.00
N GLY B 141 -3.89 -5.48 -4.29
CA GLY B 141 -3.06 -6.23 -5.21
C GLY B 141 -1.59 -6.25 -4.85
N ASP B 142 -1.13 -5.28 -4.07
CA ASP B 142 0.28 -5.18 -3.71
C ASP B 142 0.47 -5.16 -2.20
N LYS B 143 -0.55 -5.53 -1.43
CA LYS B 143 -0.56 -5.38 0.01
C LYS B 143 -0.34 -6.71 0.74
N LEU B 144 0.56 -6.69 1.71
CA LEU B 144 0.73 -7.78 2.67
C LEU B 144 -0.33 -7.62 3.75
N ILE B 145 -1.18 -8.63 3.93
CA ILE B 145 -2.27 -8.58 4.90
C ILE B 145 -1.89 -9.39 6.13
N PRO B 146 -1.75 -8.76 7.30
CA PRO B 146 -1.34 -9.45 8.53
C PRO B 146 -2.48 -10.26 9.12
N PRO B 147 -2.16 -11.33 9.86
CA PRO B 147 -3.21 -12.21 10.42
C PRO B 147 -4.36 -11.47 11.08
N GLN B 148 -4.06 -10.40 11.84
CA GLN B 148 -5.06 -9.69 12.63
C GLN B 148 -6.07 -8.91 11.78
N ASP B 149 -5.87 -8.81 10.47
CA ASP B 149 -6.78 -8.07 9.61
C ASP B 149 -7.88 -8.95 9.01
N ILE B 150 -7.86 -10.26 9.28
CA ILE B 150 -8.82 -11.20 8.73
C ILE B 150 -9.38 -12.08 9.83
N LEU B 151 -10.54 -12.66 9.56
CA LEU B 151 -11.18 -13.62 10.44
C LEU B 151 -10.78 -15.03 10.03
N ARG B 152 -10.12 -15.76 10.94
CA ARG B 152 -9.61 -17.08 10.59
C ARG B 152 -10.33 -18.22 11.31
N ASP B 153 -11.27 -17.94 12.21
CA ASP B 153 -12.08 -18.97 12.85
C ASP B 153 -13.40 -19.10 12.12
N VAL B 154 -13.67 -20.30 11.59
CA VAL B 154 -14.90 -20.52 10.84
C VAL B 154 -16.13 -20.30 11.70
N SER B 155 -16.02 -20.55 13.02
CA SER B 155 -17.12 -20.28 13.93
C SER B 155 -17.59 -18.83 13.81
N ASP B 156 -16.65 -17.89 13.69
CA ASP B 156 -17.05 -16.50 13.48
C ASP B 156 -17.75 -16.33 12.14
N LEU B 157 -17.28 -17.04 11.12
CA LEU B 157 -17.90 -16.96 9.81
C LEU B 157 -19.29 -17.56 9.82
N LYS B 158 -19.46 -18.71 10.49
CA LYS B 158 -20.79 -19.33 10.56
C LYS B 158 -21.74 -18.44 11.33
N ALA B 159 -21.25 -17.82 12.41
CA ALA B 159 -22.08 -16.89 13.18
C ALA B 159 -22.61 -15.77 12.28
N LEU B 160 -21.74 -15.20 11.45
CA LEU B 160 -22.19 -14.16 10.52
C LEU B 160 -23.25 -14.71 9.57
N ALA B 161 -23.08 -15.96 9.13
CA ALA B 161 -24.07 -16.58 8.25
C ALA B 161 -25.39 -16.79 8.98
N ASN B 162 -25.33 -17.31 10.22
CA ASN B 162 -26.54 -17.44 11.02
C ASN B 162 -27.21 -16.10 11.25
N MET B 163 -26.43 -15.04 11.52
CA MET B 163 -27.05 -13.73 11.67
C MET B 163 -27.71 -13.29 10.37
N HIS B 164 -27.09 -13.57 9.23
CA HIS B 164 -27.67 -13.14 7.97
C HIS B 164 -29.07 -13.72 7.79
N GLU B 165 -29.16 -15.05 7.82
CA GLU B 165 -30.44 -15.71 7.62
C GLU B 165 -31.46 -15.34 8.70
N SER B 166 -31.02 -15.22 9.96
CA SER B 166 -31.96 -14.92 11.04
C SER B 166 -32.54 -13.51 10.94
N LEU B 167 -31.68 -12.50 10.74
CA LEU B 167 -32.20 -11.13 10.64
C LEU B 167 -32.97 -10.92 9.35
N GLU B 168 -32.58 -11.59 8.26
CA GLU B 168 -33.38 -11.50 7.04
C GLU B 168 -34.75 -12.14 7.28
N TRP B 169 -34.78 -13.24 8.01
CA TRP B 169 -36.05 -13.88 8.34
C TRP B 169 -36.90 -12.97 9.22
N LEU B 170 -36.28 -12.40 10.25
CA LEU B 170 -37.00 -11.50 11.14
C LEU B 170 -37.49 -10.26 10.40
N ALA B 171 -36.67 -9.74 9.49
CA ALA B 171 -37.06 -8.54 8.75
C ALA B 171 -38.29 -8.83 7.89
N GLY B 172 -38.30 -9.96 7.21
CA GLY B 172 -39.45 -10.34 6.40
C GLY B 172 -40.68 -10.59 7.27
N ARG B 173 -40.49 -11.29 8.39
CA ARG B 173 -41.59 -11.54 9.31
C ARG B 173 -42.23 -10.25 9.80
N THR B 174 -41.40 -9.26 10.15
CA THR B 174 -41.95 -8.02 10.68
C THR B 174 -42.48 -7.11 9.55
N LYS B 175 -41.92 -7.21 8.35
CA LYS B 175 -42.49 -6.49 7.22
C LYS B 175 -43.94 -6.91 6.98
N SER B 176 -44.22 -8.22 7.04
CA SER B 176 -45.57 -8.70 6.80
C SER B 176 -46.53 -8.14 7.85
N ALA B 177 -46.16 -8.28 9.13
CA ALA B 177 -46.99 -7.78 10.22
C ALA B 177 -47.38 -6.32 10.02
N PHE B 178 -46.45 -5.51 9.51
CA PHE B 178 -46.60 -4.07 9.37
C PHE B 178 -47.13 -3.68 8.00
N SER B 179 -47.57 -4.65 7.21
CA SER B 179 -48.34 -4.40 6.00
C SER B 179 -49.83 -4.50 6.26
N SER B 180 -50.22 -5.30 7.24
CA SER B 180 -51.61 -5.39 7.65
C SER B 180 -52.09 -4.04 8.18
N LEU B 181 -51.32 -3.46 9.11
CA LEU B 181 -51.70 -2.19 9.72
C LEU B 181 -51.22 -1.04 8.85
N SER B 203 -51.01 5.64 15.95
CA SER B 203 -50.13 6.77 15.67
C SER B 203 -49.24 6.48 14.47
N GLU B 204 -48.91 7.54 13.72
CA GLU B 204 -48.02 7.36 12.59
C GLU B 204 -46.56 7.37 13.03
N GLN B 205 -46.22 8.19 14.03
CA GLN B 205 -44.84 8.23 14.52
C GLN B 205 -44.39 6.86 15.00
N ILE B 206 -45.31 6.05 15.52
CA ILE B 206 -44.95 4.71 15.98
C ILE B 206 -44.87 3.76 14.79
N MET B 207 -45.63 4.06 13.73
CA MET B 207 -45.53 3.30 12.49
C MET B 207 -44.19 3.53 11.80
N GLN B 208 -43.68 4.77 11.81
CA GLN B 208 -42.37 5.03 11.22
C GLN B 208 -41.26 4.33 11.99
N THR B 209 -41.32 4.37 13.32
CA THR B 209 -40.27 3.75 14.12
C THR B 209 -40.26 2.24 13.89
N LEU B 210 -41.46 1.68 13.69
CA LEU B 210 -41.61 0.25 13.46
C LEU B 210 -41.09 -0.14 12.07
N SER B 211 -41.43 0.65 11.04
CA SER B 211 -40.94 0.37 9.69
C SER B 211 -39.42 0.53 9.60
N GLU B 212 -38.85 1.43 10.39
CA GLU B 212 -37.40 1.57 10.47
C GLU B 212 -36.75 0.28 10.97
N LEU B 213 -37.22 -0.25 12.09
CA LEU B 213 -36.63 -1.46 12.67
C LEU B 213 -36.61 -2.61 11.67
N ALA B 214 -37.67 -2.78 10.87
CA ALA B 214 -37.68 -3.85 9.87
C ALA B 214 -36.59 -3.61 8.83
N LYS B 215 -36.42 -2.36 8.41
CA LYS B 215 -35.37 -2.02 7.45
C LYS B 215 -33.99 -2.27 8.08
N SER B 216 -33.81 -1.85 9.33
CA SER B 216 -32.53 -2.00 10.01
C SER B 216 -32.12 -3.47 10.08
N PHE B 217 -33.07 -4.38 10.30
CA PHE B 217 -32.73 -5.80 10.35
C PHE B 217 -32.25 -6.30 8.99
N GLN B 218 -32.89 -5.84 7.91
CA GLN B 218 -32.48 -6.25 6.58
C GLN B 218 -31.10 -5.70 6.23
N ASP B 219 -30.83 -4.45 6.60
CA ASP B 219 -29.52 -3.85 6.39
C ASP B 219 -28.44 -4.61 7.15
N MET B 220 -28.69 -4.88 8.43
CA MET B 220 -27.77 -5.67 9.23
C MET B 220 -27.56 -7.05 8.61
N ALA B 221 -28.63 -7.62 8.04
CA ALA B 221 -28.51 -8.91 7.36
C ALA B 221 -27.63 -8.80 6.14
N ASP B 222 -27.87 -7.77 5.32
CA ASP B 222 -27.05 -7.51 4.14
C ASP B 222 -25.59 -7.31 4.51
N ARG B 223 -25.33 -6.51 5.55
CA ARG B 223 -23.97 -6.28 6.00
C ARG B 223 -23.25 -7.61 6.25
N CYS B 224 -23.93 -8.52 6.95
CA CYS B 224 -23.34 -9.83 7.25
C CYS B 224 -22.99 -10.59 5.98
N LEU B 225 -23.83 -10.50 4.95
CA LEU B 225 -23.55 -11.24 3.72
C LEU B 225 -22.40 -10.61 2.97
N LEU B 226 -22.36 -9.27 2.92
CA LEU B 226 -21.24 -8.58 2.29
C LEU B 226 -19.92 -8.91 2.98
N VAL B 227 -19.91 -8.89 4.30
CA VAL B 227 -18.70 -9.21 5.04
C VAL B 227 -18.23 -10.62 4.70
N LEU B 228 -19.14 -11.59 4.70
CA LEU B 228 -18.77 -12.95 4.31
C LEU B 228 -18.23 -13.00 2.90
N HIS B 229 -18.92 -12.34 1.96
CA HIS B 229 -18.47 -12.26 0.58
C HIS B 229 -17.07 -11.69 0.48
N LEU B 230 -16.82 -10.56 1.15
CA LEU B 230 -15.52 -9.91 1.07
C LEU B 230 -14.44 -10.70 1.79
N GLU B 231 -14.79 -11.32 2.93
CA GLU B 231 -13.80 -12.05 3.72
C GLU B 231 -13.06 -13.10 2.90
N VAL B 232 -13.79 -13.97 2.19
CA VAL B 232 -13.12 -14.99 1.38
C VAL B 232 -12.13 -14.35 0.42
N ARG B 233 -12.53 -13.22 -0.16
CA ARG B 233 -11.69 -12.55 -1.14
C ARG B 233 -10.44 -11.97 -0.49
N VAL B 234 -10.58 -11.40 0.70
CA VAL B 234 -9.40 -10.93 1.44
C VAL B 234 -8.47 -12.10 1.78
N HIS B 235 -9.04 -13.27 2.06
CA HIS B 235 -8.21 -14.45 2.34
C HIS B 235 -7.37 -14.81 1.12
N CYS B 236 -7.94 -14.67 -0.07
CA CYS B 236 -7.21 -14.93 -1.30
C CYS B 236 -5.99 -14.03 -1.38
N PHE B 237 -6.17 -12.74 -1.15
CA PHE B 237 -5.04 -11.81 -1.15
C PHE B 237 -4.03 -12.18 -0.06
N HIS B 238 -4.53 -12.56 1.12
CA HIS B 238 -3.64 -12.88 2.24
C HIS B 238 -2.69 -14.03 1.92
N TYR B 239 -3.14 -15.01 1.15
CA TYR B 239 -2.31 -16.18 0.89
C TYR B 239 -1.57 -16.10 -0.45
N LEU B 240 -2.16 -15.43 -1.44
CA LEU B 240 -1.61 -15.44 -2.78
C LEU B 240 -0.58 -14.35 -3.01
N ILE B 241 -0.79 -13.16 -2.45
CA ILE B 241 0.17 -12.07 -2.66
C ILE B 241 1.57 -12.46 -2.24
N PRO B 242 1.81 -13.08 -1.08
CA PRO B 242 3.17 -13.57 -0.77
C PRO B 242 3.76 -14.55 -1.77
N LEU B 243 3.00 -15.01 -2.78
CA LEU B 243 3.59 -15.92 -3.76
C LEU B 243 4.51 -15.16 -4.69
N ALA B 244 4.07 -13.98 -5.15
CA ALA B 244 4.81 -13.20 -6.13
C ALA B 244 6.26 -12.95 -5.71
N LYS B 245 6.55 -12.96 -4.41
CA LYS B 245 7.91 -12.73 -4.00
C LYS B 245 8.40 -13.89 -3.12
N GLU B 246 8.46 -15.08 -3.71
CA GLU B 246 9.17 -16.22 -3.14
C GLU B 246 10.41 -16.48 -3.96
N GLY B 247 11.53 -16.74 -3.27
CA GLY B 247 12.77 -17.03 -3.97
C GLY B 247 12.76 -18.37 -4.69
N ASN B 248 11.85 -19.26 -4.31
CA ASN B 248 11.73 -20.59 -4.90
C ASN B 248 10.90 -20.60 -6.18
N TYR B 249 11.01 -19.54 -6.97
CA TYR B 249 10.37 -19.44 -8.28
C TYR B 249 11.34 -19.01 -9.36
N ALA B 250 12.63 -18.89 -9.03
CA ALA B 250 13.65 -18.47 -10.00
C ALA B 250 14.71 -19.54 -10.22
N ILE B 251 14.49 -20.77 -9.75
CA ILE B 251 15.46 -21.85 -9.92
C ILE B 251 15.37 -22.44 -11.32
N SER B 257 9.67 -32.16 -10.62
CA SER B 257 8.85 -32.04 -9.42
C SER B 257 7.43 -31.59 -9.76
N MET B 258 6.48 -31.99 -8.91
CA MET B 258 5.06 -31.73 -9.11
C MET B 258 4.37 -31.13 -7.89
N ASP B 259 5.11 -30.69 -6.88
CA ASP B 259 4.51 -30.22 -5.64
C ASP B 259 3.90 -28.83 -5.79
N TYR B 260 3.00 -28.49 -4.89
CA TYR B 260 2.32 -27.21 -4.89
C TYR B 260 2.97 -26.26 -3.87
N ASP B 261 2.64 -24.99 -3.99
CA ASP B 261 3.05 -24.02 -2.98
C ASP B 261 2.22 -24.20 -1.72
N PRO B 262 2.86 -24.30 -0.54
CA PRO B 262 2.09 -24.48 0.71
C PRO B 262 1.07 -23.38 0.97
N LEU B 263 1.33 -22.17 0.45
CA LEU B 263 0.35 -21.09 0.56
C LEU B 263 -0.90 -21.41 -0.25
N VAL B 264 -0.73 -21.88 -1.48
CA VAL B 264 -1.89 -22.25 -2.30
C VAL B 264 -2.65 -23.40 -1.65
N VAL B 265 -1.93 -24.39 -1.13
CA VAL B 265 -2.59 -25.48 -0.43
C VAL B 265 -3.36 -24.97 0.78
N LYS B 266 -2.77 -24.02 1.53
CA LYS B 266 -3.44 -23.49 2.70
C LYS B 266 -4.68 -22.70 2.31
N LEU B 267 -4.61 -21.93 1.22
CA LEU B 267 -5.77 -21.21 0.75
C LEU B 267 -6.91 -22.16 0.38
N ASN B 268 -6.58 -23.26 -0.30
CA ASN B 268 -7.58 -24.28 -0.61
C ASN B 268 -8.23 -24.80 0.67
N LYS B 269 -7.41 -25.11 1.67
CA LYS B 269 -7.95 -25.64 2.92
C LYS B 269 -8.84 -24.61 3.59
N ASP B 270 -8.45 -23.34 3.51
CA ASP B 270 -9.27 -22.26 4.06
C ASP B 270 -10.62 -22.19 3.35
N ILE B 271 -10.60 -22.12 2.02
CA ILE B 271 -11.84 -22.04 1.25
C ILE B 271 -12.72 -23.25 1.48
N SER B 272 -12.14 -24.46 1.45
CA SER B 272 -12.94 -25.66 1.68
C SER B 272 -13.59 -25.62 3.05
N ALA B 273 -12.82 -25.28 4.10
CA ALA B 273 -13.38 -25.20 5.44
C ALA B 273 -14.51 -24.19 5.51
N MET B 274 -14.33 -23.03 4.84
CA MET B 274 -15.37 -22.02 4.85
C MET B 274 -16.58 -22.49 4.06
N GLU B 275 -16.33 -23.20 2.97
CA GLU B 275 -17.40 -23.74 2.14
C GLU B 275 -18.32 -24.66 2.94
N GLU B 276 -17.73 -25.51 3.79
CA GLU B 276 -18.55 -26.41 4.59
C GLU B 276 -19.45 -25.64 5.55
N ALA B 277 -18.91 -24.62 6.22
CA ALA B 277 -19.71 -23.83 7.16
C ALA B 277 -20.83 -23.09 6.45
N MET B 278 -20.55 -22.54 5.27
CA MET B 278 -21.56 -21.76 4.55
C MET B 278 -22.67 -22.64 3.98
N SER B 279 -22.32 -23.85 3.55
CA SER B 279 -23.33 -24.75 3.00
C SER B 279 -24.32 -25.20 4.08
N ALA B 280 -23.92 -25.16 5.34
CA ALA B 280 -24.75 -25.59 6.44
C ALA B 280 -25.52 -24.44 7.07
N SER B 281 -25.34 -23.22 6.58
CA SER B 281 -25.94 -22.04 7.21
C SER B 281 -26.58 -21.07 6.22
N LEU B 282 -26.16 -21.05 4.96
CA LEU B 282 -26.70 -20.14 3.97
C LEU B 282 -27.60 -20.89 2.99
N GLN B 283 -28.64 -20.19 2.53
CA GLN B 283 -29.43 -20.65 1.41
C GLN B 283 -28.56 -20.75 0.16
N GLN B 284 -29.01 -21.55 -0.81
CA GLN B 284 -28.17 -21.86 -1.96
C GLN B 284 -27.74 -20.61 -2.71
N HIS B 285 -28.65 -19.64 -2.88
CA HIS B 285 -28.28 -18.47 -3.66
C HIS B 285 -27.34 -17.55 -2.90
N LYS B 286 -27.35 -17.61 -1.56
CA LYS B 286 -26.37 -16.84 -0.78
C LYS B 286 -25.01 -17.51 -0.87
N PHE B 287 -24.99 -18.84 -0.76
CA PHE B 287 -23.77 -19.62 -0.90
C PHE B 287 -23.08 -19.32 -2.22
N GLN B 288 -23.86 -19.24 -3.30
CA GLN B 288 -23.28 -18.99 -4.62
C GLN B 288 -22.72 -17.58 -4.70
N TYR B 289 -23.43 -16.62 -4.11
CA TYR B 289 -22.91 -15.26 -4.07
C TYR B 289 -21.56 -15.18 -3.37
N ILE B 290 -21.31 -16.08 -2.40
CA ILE B 290 -20.01 -16.09 -1.73
C ILE B 290 -18.93 -16.61 -2.68
N PHE B 291 -19.10 -17.82 -3.20
CA PHE B 291 -18.03 -18.54 -3.90
C PHE B 291 -17.97 -18.33 -5.40
N GLU B 292 -19.05 -17.96 -6.05
CA GLU B 292 -18.96 -17.64 -7.48
C GLU B 292 -18.15 -16.35 -7.65
N GLY B 293 -17.19 -16.38 -8.57
CA GLY B 293 -16.34 -15.25 -8.83
C GLY B 293 -14.97 -15.34 -8.18
N LEU B 294 -14.80 -16.27 -7.22
CA LEU B 294 -13.49 -16.45 -6.60
C LEU B 294 -12.46 -16.86 -7.64
N GLY B 295 -12.85 -17.69 -8.60
CA GLY B 295 -11.92 -18.09 -9.65
C GLY B 295 -11.51 -16.90 -10.48
N HIS B 296 -12.46 -16.02 -10.79
CA HIS B 296 -12.14 -14.83 -11.55
C HIS B 296 -11.18 -13.94 -10.77
N LEU B 297 -11.49 -13.69 -9.49
CA LEU B 297 -10.61 -12.85 -8.68
C LEU B 297 -9.21 -13.42 -8.59
N ILE B 298 -9.10 -14.72 -8.29
CA ILE B 298 -7.80 -15.36 -8.16
C ILE B 298 -6.99 -15.25 -9.44
N SER B 299 -7.63 -15.40 -10.60
CA SER B 299 -6.90 -15.26 -11.86
C SER B 299 -6.35 -13.85 -12.00
N CYS B 300 -7.12 -12.84 -11.58
CA CYS B 300 -6.65 -11.47 -11.64
C CYS B 300 -5.52 -11.23 -10.65
N ILE B 301 -5.60 -11.84 -9.47
CA ILE B 301 -4.51 -11.75 -8.50
C ILE B 301 -3.21 -12.31 -9.07
N LEU B 302 -3.27 -13.52 -9.64
CA LEU B 302 -2.05 -14.16 -10.15
C LEU B 302 -1.49 -13.42 -11.37
N ILE B 303 -2.35 -12.97 -12.28
CA ILE B 303 -1.86 -12.21 -13.44
C ILE B 303 -1.24 -10.89 -12.98
N ASN B 304 -2.00 -10.11 -12.21
CA ASN B 304 -1.47 -8.86 -11.68
C ASN B 304 -0.20 -9.07 -10.86
N GLY B 305 -0.15 -10.16 -10.10
CA GLY B 305 0.99 -10.37 -9.23
C GLY B 305 2.27 -10.73 -9.95
N ALA B 306 2.20 -11.01 -11.26
CA ALA B 306 3.39 -11.43 -11.99
C ALA B 306 4.41 -10.30 -12.05
N GLN B 307 3.96 -9.06 -11.99
CA GLN B 307 4.84 -7.91 -12.09
C GLN B 307 5.72 -7.75 -10.85
N TYR B 308 5.40 -8.46 -9.76
CA TYR B 308 6.17 -8.38 -8.53
C TYR B 308 7.17 -9.52 -8.42
N PHE B 309 7.37 -10.29 -9.48
CA PHE B 309 8.43 -11.29 -9.49
C PHE B 309 9.74 -10.60 -9.87
N ARG B 310 10.79 -10.87 -9.11
CA ARG B 310 12.11 -10.40 -9.49
C ARG B 310 12.57 -11.13 -10.75
N ARG B 311 12.65 -12.46 -10.66
CA ARG B 311 12.95 -13.35 -11.77
C ARG B 311 11.96 -14.50 -11.70
N ILE B 312 11.62 -15.07 -12.85
CA ILE B 312 10.88 -16.32 -12.88
C ILE B 312 11.56 -17.29 -13.83
N SER B 313 11.79 -18.51 -13.35
CA SER B 313 12.44 -19.54 -14.14
C SER B 313 11.41 -20.44 -14.82
N GLU B 314 11.90 -21.28 -15.74
CA GLU B 314 11.01 -22.22 -16.42
C GLU B 314 10.30 -23.11 -15.42
N SER B 315 11.01 -23.49 -14.34
CA SER B 315 10.40 -24.32 -13.32
C SER B 315 9.44 -23.51 -12.45
N GLY B 316 9.71 -22.22 -12.29
CA GLY B 316 8.82 -21.37 -11.52
C GLY B 316 7.50 -21.19 -12.22
N ILE B 317 7.53 -21.17 -13.56
CA ILE B 317 6.30 -21.09 -14.34
C ILE B 317 5.53 -22.40 -14.24
N LYS B 318 6.25 -23.52 -14.31
CA LYS B 318 5.62 -24.84 -14.15
C LYS B 318 4.94 -24.95 -12.79
N LYS B 319 5.58 -24.43 -11.73
CA LYS B 319 4.98 -24.49 -10.39
C LYS B 319 3.77 -23.58 -10.28
N MET B 320 3.80 -22.41 -10.93
CA MET B 320 2.65 -21.53 -10.85
C MET B 320 1.44 -22.13 -11.55
N CYS B 321 1.68 -22.85 -12.65
CA CYS B 321 0.58 -23.50 -13.35
C CYS B 321 0.00 -24.64 -12.52
N ARG B 322 0.84 -25.38 -11.80
CA ARG B 322 0.32 -26.40 -10.90
C ARG B 322 -0.53 -25.76 -9.81
N ASN B 323 -0.09 -24.62 -9.27
CA ASN B 323 -0.89 -23.88 -8.30
C ASN B 323 -2.27 -23.58 -8.86
N ILE B 324 -2.32 -23.06 -10.08
CA ILE B 324 -3.59 -22.75 -10.73
C ILE B 324 -4.42 -24.01 -10.92
N PHE B 325 -3.77 -25.12 -11.27
CA PHE B 325 -4.47 -26.40 -11.39
C PHE B 325 -5.22 -26.74 -10.11
N VAL B 326 -4.51 -26.84 -8.99
CA VAL B 326 -5.12 -27.29 -7.75
C VAL B 326 -6.12 -26.26 -7.23
N LEU B 327 -5.92 -24.97 -7.53
CA LEU B 327 -6.92 -23.97 -7.19
C LEU B 327 -8.19 -24.21 -8.00
N GLN B 328 -8.04 -24.43 -9.30
CA GLN B 328 -9.19 -24.65 -10.16
C GLN B 328 -9.93 -25.92 -9.76
N GLN B 329 -9.19 -27.00 -9.52
CA GLN B 329 -9.80 -28.25 -9.06
C GLN B 329 -10.69 -28.01 -7.85
N ASN B 330 -10.22 -27.23 -6.88
CA ASN B 330 -10.96 -27.01 -5.65
C ASN B 330 -12.23 -26.18 -5.91
N LEU B 331 -12.09 -25.09 -6.68
CA LEU B 331 -13.22 -24.19 -6.89
C LEU B 331 -14.29 -24.78 -7.81
N THR B 332 -13.88 -25.52 -8.85
CA THR B 332 -14.88 -26.11 -9.76
C THR B 332 -15.80 -27.05 -9.01
N ASN B 333 -15.29 -27.76 -8.01
CA ASN B 333 -16.07 -28.71 -7.23
C ASN B 333 -16.89 -28.00 -6.16
N ILE B 334 -16.86 -26.66 -6.13
CA ILE B 334 -17.63 -25.86 -5.20
C ILE B 334 -18.71 -25.07 -5.93
N THR B 335 -18.39 -24.53 -7.10
CA THR B 335 -19.25 -23.63 -7.84
C THR B 335 -19.98 -24.35 -8.97
N MET B 336 -19.62 -25.61 -9.24
CA MET B 336 -20.24 -26.41 -10.29
C MET B 336 -20.05 -25.79 -11.67
N SER B 337 -18.88 -25.20 -11.92
CA SER B 337 -18.60 -24.58 -13.19
C SER B 337 -17.15 -24.77 -13.61
N ARG B 338 -16.85 -24.36 -14.85
CA ARG B 338 -15.53 -24.59 -15.43
C ARG B 338 -14.45 -23.80 -14.70
N GLU B 339 -14.81 -22.65 -14.14
CA GLU B 339 -13.87 -21.65 -13.66
C GLU B 339 -12.85 -21.36 -14.77
N ALA B 340 -13.36 -20.84 -15.88
CA ALA B 340 -12.52 -20.63 -17.06
C ALA B 340 -11.54 -19.47 -16.91
N ASP B 341 -11.78 -18.55 -15.98
CA ASP B 341 -10.84 -17.46 -15.78
C ASP B 341 -9.48 -17.98 -15.34
N LEU B 342 -9.45 -19.09 -14.60
CA LEU B 342 -8.17 -19.67 -14.21
C LEU B 342 -7.44 -20.25 -15.41
N ASP B 343 -8.15 -20.60 -16.49
CA ASP B 343 -7.47 -20.98 -17.73
C ASP B 343 -6.76 -19.77 -18.31
N PHE B 344 -7.36 -18.58 -18.13
CA PHE B 344 -6.76 -17.36 -18.64
C PHE B 344 -5.49 -17.03 -17.87
N ALA B 345 -5.48 -17.28 -16.56
CA ALA B 345 -4.30 -17.01 -15.75
C ALA B 345 -3.19 -17.99 -16.08
N ARG B 346 -3.54 -19.26 -16.34
CA ARG B 346 -2.53 -20.23 -16.72
C ARG B 346 -1.92 -19.86 -18.05
N GLN B 347 -2.77 -19.47 -19.01
CA GLN B 347 -2.29 -19.06 -20.31
C GLN B 347 -1.36 -17.86 -20.20
N TYR B 348 -1.61 -16.97 -19.23
CA TYR B 348 -0.74 -15.81 -19.05
C TYR B 348 0.65 -16.22 -18.57
N TYR B 349 0.72 -17.19 -17.64
CA TYR B 349 2.03 -17.63 -17.19
C TYR B 349 2.71 -18.51 -18.24
N GLU B 350 1.94 -19.23 -19.05
CA GLU B 350 2.53 -20.03 -20.11
C GLU B 350 3.14 -19.13 -21.17
N MET B 351 2.68 -17.89 -21.24
CA MET B 351 3.21 -16.90 -22.18
C MET B 351 4.66 -16.57 -21.88
N LEU B 352 5.13 -16.91 -20.69
CA LEU B 352 6.48 -16.59 -20.24
C LEU B 352 7.47 -17.70 -20.55
N TYR B 353 7.01 -18.78 -21.19
CA TYR B 353 7.93 -19.81 -21.67
C TYR B 353 8.65 -19.31 -22.92
N ASN B 354 8.01 -18.41 -23.64
CA ASN B 354 8.56 -17.80 -24.85
C ASN B 354 9.72 -16.88 -24.50
N THR B 355 10.48 -16.53 -25.53
CA THR B 355 11.49 -15.49 -25.39
C THR B 355 10.84 -14.11 -25.58
N ALA B 356 11.63 -13.08 -25.33
CA ALA B 356 11.11 -11.72 -25.46
C ALA B 356 10.67 -11.43 -26.90
N ASP B 357 11.29 -12.10 -27.87
CA ASP B 357 10.91 -11.91 -29.27
C ASP B 357 9.70 -12.76 -29.63
N GLU B 358 9.64 -13.99 -29.11
CA GLU B 358 8.50 -14.86 -29.38
C GLU B 358 7.20 -14.26 -28.84
N LEU B 359 7.27 -13.47 -27.77
CA LEU B 359 6.08 -12.89 -27.18
C LEU B 359 5.42 -11.90 -28.13
N LEU B 360 6.21 -11.01 -28.73
CA LEU B 360 5.66 -10.00 -29.63
C LEU B 360 5.02 -10.64 -30.86
N ASN B 361 5.56 -11.77 -31.33
CA ASN B 361 4.95 -12.46 -32.45
C ASN B 361 3.62 -13.10 -32.04
N LEU B 362 3.55 -13.66 -30.83
CA LEU B 362 2.32 -14.26 -30.34
C LEU B 362 1.16 -13.25 -30.34
N VAL B 363 1.47 -11.97 -30.16
CA VAL B 363 0.43 -10.95 -30.12
C VAL B 363 -0.08 -10.60 -31.51
N VAL B 364 0.78 -10.63 -32.54
CA VAL B 364 0.28 -10.30 -33.87
C VAL B 364 -0.50 -11.47 -34.47
N ASP B 365 -0.13 -12.71 -34.17
CA ASP B 365 -0.93 -13.85 -34.62
C ASP B 365 -2.28 -13.89 -33.94
N GLN B 366 -2.31 -14.25 -32.65
CA GLN B 366 -3.54 -14.54 -31.94
C GLN B 366 -4.20 -13.31 -31.34
N GLY B 367 -3.59 -12.14 -31.46
CA GLY B 367 -4.23 -10.89 -31.07
C GLY B 367 -3.86 -10.44 -29.68
N VAL B 368 -4.57 -9.41 -29.24
CA VAL B 368 -4.35 -8.79 -27.93
C VAL B 368 -5.44 -9.28 -26.97
N LYS B 369 -5.07 -10.23 -26.11
CA LYS B 369 -6.00 -10.84 -25.16
C LYS B 369 -5.98 -10.13 -23.81
N TYR B 370 -4.79 -9.94 -23.24
CA TYR B 370 -4.63 -9.27 -21.96
C TYR B 370 -4.53 -7.76 -22.17
N THR B 371 -4.53 -7.02 -21.06
CA THR B 371 -4.43 -5.58 -21.17
C THR B 371 -3.00 -5.19 -21.54
N GLU B 372 -2.85 -3.92 -21.94
CA GLU B 372 -1.54 -3.44 -22.37
C GLU B 372 -0.52 -3.60 -21.25
N LEU B 373 -0.82 -3.03 -20.08
CA LEU B 373 0.05 -3.15 -18.93
C LEU B 373 0.38 -4.59 -18.58
N GLU B 374 -0.56 -5.51 -18.80
CA GLU B 374 -0.30 -6.92 -18.53
C GLU B 374 0.71 -7.50 -19.52
N TYR B 375 0.65 -7.06 -20.78
CA TYR B 375 1.66 -7.49 -21.74
C TYR B 375 3.00 -6.84 -21.45
N ILE B 376 2.99 -5.53 -21.16
CA ILE B 376 4.21 -4.82 -20.80
C ILE B 376 4.86 -5.45 -19.57
N HIS B 377 4.07 -5.72 -18.52
CA HIS B 377 4.64 -6.32 -17.32
C HIS B 377 5.16 -7.73 -17.58
N ALA B 378 4.55 -8.45 -18.54
CA ALA B 378 5.04 -9.77 -18.89
C ALA B 378 6.38 -9.67 -19.62
N LEU B 379 6.52 -8.67 -20.49
CA LEU B 379 7.76 -8.50 -21.23
C LEU B 379 8.91 -8.13 -20.29
N THR B 380 8.71 -7.11 -19.45
CA THR B 380 9.74 -6.71 -18.51
C THR B 380 10.15 -7.84 -17.59
N LEU B 381 9.21 -8.72 -17.23
CA LEU B 381 9.57 -9.87 -16.40
C LEU B 381 10.47 -10.82 -17.18
N LEU B 382 10.24 -10.97 -18.48
CA LEU B 382 11.12 -11.79 -19.31
C LEU B 382 12.50 -11.15 -19.39
N HIS B 383 12.56 -9.84 -19.63
CA HIS B 383 13.84 -9.15 -19.68
C HIS B 383 14.63 -9.36 -18.39
N ARG B 384 13.96 -9.32 -17.24
CA ARG B 384 14.66 -9.54 -15.98
C ARG B 384 15.12 -10.98 -15.81
N SER B 385 14.51 -11.91 -16.55
CA SER B 385 14.81 -13.33 -16.40
C SER B 385 15.62 -13.85 -17.58
N THR B 393 20.61 -0.59 -24.66
CA THR B 393 19.92 -1.87 -24.60
C THR B 393 18.86 -2.05 -25.70
N THR B 394 18.71 -3.31 -26.08
CA THR B 394 17.73 -3.79 -27.05
C THR B 394 16.36 -3.98 -26.41
N GLN B 395 16.35 -4.24 -25.09
CA GLN B 395 15.11 -4.38 -24.34
C GLN B 395 14.24 -3.13 -24.42
N ASN B 396 14.82 -1.94 -24.34
CA ASN B 396 14.01 -0.74 -24.59
C ASN B 396 13.48 -0.70 -26.01
N THR B 397 14.26 -1.20 -26.98
CA THR B 397 13.84 -1.21 -28.37
C THR B 397 13.12 -2.51 -28.72
N ARG B 398 12.66 -3.23 -27.72
CA ARG B 398 11.64 -4.25 -27.84
C ARG B 398 10.39 -3.89 -27.06
N LEU B 399 10.55 -3.08 -26.00
CA LEU B 399 9.43 -2.65 -25.19
C LEU B 399 8.59 -1.62 -25.93
N GLN B 400 9.26 -0.61 -26.49
CA GLN B 400 8.57 0.34 -27.35
C GLN B 400 8.04 -0.34 -28.61
N ARG B 401 8.41 -1.59 -28.85
CA ARG B 401 7.96 -2.30 -30.05
C ARG B 401 6.73 -3.15 -29.75
N LEU B 402 6.49 -3.46 -28.47
CA LEU B 402 5.26 -4.12 -28.06
C LEU B 402 4.06 -3.17 -28.15
N LYS B 403 4.23 -1.93 -27.68
CA LYS B 403 3.09 -1.01 -27.51
C LYS B 403 2.40 -0.69 -28.83
N GLU B 404 3.15 -0.40 -29.90
CA GLU B 404 2.48 -0.08 -31.16
C GLU B 404 1.81 -1.32 -31.74
N ILE B 405 2.44 -2.50 -31.58
CA ILE B 405 1.83 -3.73 -32.07
C ILE B 405 0.46 -3.91 -31.45
N ILE B 406 0.32 -3.57 -30.17
CA ILE B 406 -0.99 -3.56 -29.53
C ILE B 406 -1.87 -2.48 -30.16
N CYS B 407 -1.29 -1.31 -30.44
CA CYS B 407 -2.05 -0.23 -31.06
C CYS B 407 -2.34 -0.54 -32.53
N GLU B 408 -1.40 -1.18 -33.23
CA GLU B 408 -1.64 -1.63 -34.59
C GLU B 408 -2.81 -2.61 -34.62
N GLN B 409 -2.79 -3.61 -33.74
CA GLN B 409 -3.87 -4.58 -33.66
C GLN B 409 -5.13 -3.98 -33.04
N ALA B 410 -5.04 -2.75 -32.52
CA ALA B 410 -6.20 -2.03 -32.03
C ALA B 410 -6.87 -1.26 -33.16
N ALA B 411 -6.08 -0.86 -34.16
CA ALA B 411 -6.61 -0.15 -35.33
C ALA B 411 -7.23 -1.14 -36.31
N ILE B 412 -6.72 -2.38 -36.33
CA ILE B 412 -7.27 -3.42 -37.20
C ILE B 412 -8.67 -3.79 -36.74
N LYS B 413 -8.89 -3.82 -35.42
CA LYS B 413 -10.21 -4.16 -34.89
C LYS B 413 -11.23 -3.06 -35.16
N GLN B 414 -10.78 -1.80 -35.28
CA GLN B 414 -11.66 -0.70 -35.62
C GLN B 414 -11.74 -0.47 -37.12
N ALA B 415 -10.91 -1.16 -37.90
CA ALA B 415 -11.06 -1.24 -39.35
C ALA B 415 -12.13 -2.24 -39.77
N THR B 416 -12.72 -2.95 -38.81
CA THR B 416 -13.84 -3.84 -39.07
C THR B 416 -14.60 -4.14 -37.78
#